data_3CFV
#
_entry.id   3CFV
#
_cell.length_a   108.661
_cell.length_b   44.790
_cell.length_c   109.592
_cell.angle_alpha   90.00
_cell.angle_beta   90.71
_cell.angle_gamma   90.00
#
_symmetry.space_group_name_H-M   'P 1 21 1'
#
loop_
_entity.id
_entity.type
_entity.pdbx_description
1 polymer 'Histone-binding protein RBBP7'
2 polymer 'Histone H4 peptide'
3 non-polymer ARSENIC
4 water water
#
loop_
_entity_poly.entity_id
_entity_poly.type
_entity_poly.pdbx_seq_one_letter_code
_entity_poly.pdbx_strand_id
1 'polypeptide(L)'
;H(MSE)A(MSE)ASKE(MSE)FEDTVEERVINEEYKIWKKNTPFLYDLV(MSE)THALQWPSLTVQWLPEVTKPEGKDYA
LHWLVLGTHTSDEQNHLVVARVHIPNDDAQFDASHCDSDKGEFGGFGSVTGKIECEIKINHEGEVNRARY(MSE)PQNPH
IIATKTPSSDVLVFDYTKHPAKPDPSGECNPDLRLRGHQKEGYGLSWNSNLSGHLLSASDDHTVCLWDINAGPKEGKIVD
AKAIFTGHSAVVEDVAWHLLHESLFGSVADDQKL(MSE)IWDTRSNTTSKPSHLVDAHTAEVNCLSFNPYSEFILATGSA
DKTVALWDLRNLKLKLHTFESHKDEIFQVHWSPHNETILASSGTDRRLNVWDLSKIGEEQSAEDAEDGPPELLFIHGGHT
AKISDFSWNPNEPWVICSVSEDNI(MSE)QIWQ(MSE)AENIYNDE
;
B,A
2 'polypeptide(L)' DNIQGITKPAIRRLARRG E,F
#
# COMPACT_ATOMS: atom_id res chain seq x y z
N HIS A 1 -49.94 40.81 5.61
CA HIS A 1 -50.84 41.51 6.57
C HIS A 1 -52.06 40.64 6.89
N ALA A 3 -52.68 37.43 4.78
CA ALA A 3 -52.22 36.07 4.49
C ALA A 3 -51.41 35.51 5.65
N ALA A 5 -48.66 32.99 7.59
CA ALA A 5 -47.41 32.31 7.34
C ALA A 5 -47.71 30.82 7.19
N SER A 6 -47.25 30.23 6.10
CA SER A 6 -47.56 28.84 5.80
C SER A 6 -46.29 28.00 5.75
N LYS A 7 -46.04 27.23 6.80
CA LYS A 7 -44.88 26.35 6.83
C LYS A 7 -45.22 25.00 6.20
N GLU A 8 -46.31 24.99 5.45
CA GLU A 8 -46.74 23.83 4.66
C GLU A 8 -48.16 24.10 4.12
N PHE A 10 -45.59 26.41 1.26
CA PHE A 10 -44.40 25.63 1.64
C PHE A 10 -43.79 24.37 0.99
N GLU A 11 -44.51 23.77 0.06
CA GLU A 11 -43.96 22.74 -0.83
C GLU A 11 -44.08 23.04 -2.31
N ASP A 12 -43.41 22.22 -3.12
CA ASP A 12 -43.57 22.23 -4.56
C ASP A 12 -44.58 21.16 -4.94
N THR A 13 -45.79 21.60 -5.28
CA THR A 13 -46.88 20.67 -5.55
C THR A 13 -46.65 19.85 -6.82
N VAL A 14 -45.80 20.36 -7.71
CA VAL A 14 -45.46 19.64 -8.93
C VAL A 14 -44.49 18.52 -8.62
N GLU A 15 -43.41 18.86 -7.92
CA GLU A 15 -42.39 17.89 -7.56
C GLU A 15 -42.97 16.83 -6.64
N GLU A 16 -43.88 17.25 -5.76
CA GLU A 16 -44.53 16.35 -4.82
C GLU A 16 -45.20 15.17 -5.54
N ARG A 17 -45.94 15.46 -6.60
CA ARG A 17 -46.62 14.41 -7.37
C ARG A 17 -45.64 13.40 -7.95
N VAL A 18 -44.56 13.90 -8.54
CA VAL A 18 -43.52 13.06 -9.11
C VAL A 18 -42.90 12.16 -8.05
N ILE A 19 -42.50 12.76 -6.94
CA ILE A 19 -41.90 12.03 -5.83
C ILE A 19 -42.82 10.90 -5.33
N ASN A 20 -44.10 11.22 -5.16
CA ASN A 20 -45.09 10.25 -4.67
C ASN A 20 -45.33 9.07 -5.62
N GLU A 21 -45.40 9.35 -6.92
CA GLU A 21 -45.61 8.29 -7.89
C GLU A 21 -44.42 7.36 -8.00
N GLU A 22 -43.22 7.92 -7.86
CA GLU A 22 -42.00 7.11 -7.83
C GLU A 22 -41.92 6.28 -6.55
N TYR A 23 -42.53 6.80 -5.47
CA TYR A 23 -42.58 6.09 -4.21
C TYR A 23 -43.54 4.91 -4.27
N LYS A 24 -44.71 5.13 -4.88
CA LYS A 24 -45.70 4.06 -5.05
C LYS A 24 -45.08 2.86 -5.74
N ILE A 25 -44.37 3.13 -6.84
CA ILE A 25 -43.71 2.09 -7.62
C ILE A 25 -42.62 1.39 -6.82
N TRP A 26 -41.86 2.18 -6.05
CA TRP A 26 -40.82 1.63 -5.18
C TRP A 26 -41.39 0.66 -4.15
N LYS A 27 -42.56 1.01 -3.61
CA LYS A 27 -43.17 0.27 -2.52
C LYS A 27 -43.60 -1.13 -2.95
N LYS A 28 -44.20 -1.25 -4.13
CA LYS A 28 -44.62 -2.56 -4.62
C LYS A 28 -43.43 -3.40 -5.09
N ASN A 29 -42.27 -2.76 -5.18
CA ASN A 29 -41.03 -3.45 -5.53
C ASN A 29 -40.25 -3.92 -4.32
N THR A 30 -40.64 -3.45 -3.14
CA THR A 30 -39.86 -3.74 -1.92
C THR A 30 -39.64 -5.23 -1.66
N PRO A 31 -40.67 -6.06 -1.88
CA PRO A 31 -40.54 -7.50 -1.61
C PRO A 31 -39.44 -8.16 -2.43
N PHE A 32 -39.08 -7.54 -3.56
CA PHE A 32 -37.98 -8.04 -4.38
C PHE A 32 -36.63 -7.53 -3.90
N LEU A 33 -36.62 -6.30 -3.39
CA LEU A 33 -35.37 -5.57 -3.14
C LEU A 33 -34.87 -5.62 -1.70
N TYR A 34 -35.75 -5.95 -0.76
CA TYR A 34 -35.40 -5.91 0.67
C TYR A 34 -35.77 -7.18 1.42
N ASP A 35 -34.90 -7.61 2.33
CA ASP A 35 -35.22 -8.67 3.28
C ASP A 35 -35.91 -8.07 4.50
N LEU A 36 -35.73 -6.76 4.67
CA LEU A 36 -36.35 -6.04 5.78
C LEU A 36 -36.60 -4.58 5.40
N VAL A 37 -37.81 -4.10 5.67
CA VAL A 37 -38.15 -2.69 5.51
C VAL A 37 -39.13 -2.24 6.58
N THR A 39 -40.72 1.34 8.49
CA THR A 39 -40.82 2.79 8.46
C THR A 39 -41.57 3.32 9.68
N HIS A 40 -41.19 4.53 10.09
CA HIS A 40 -41.85 5.20 11.20
C HIS A 40 -41.78 6.71 11.00
N ALA A 41 -42.89 7.39 11.27
CA ALA A 41 -42.94 8.84 11.17
C ALA A 41 -42.77 9.48 12.54
N LEU A 42 -41.63 10.14 12.74
CA LEU A 42 -41.38 10.86 13.99
C LEU A 42 -42.24 12.12 14.06
N GLN A 43 -42.49 12.61 15.27
CA GLN A 43 -43.25 13.85 15.43
C GLN A 43 -42.51 15.03 14.80
N TRP A 44 -41.20 15.06 14.99
CA TRP A 44 -40.36 16.06 14.35
C TRP A 44 -39.26 15.35 13.57
N PRO A 45 -38.84 15.94 12.45
CA PRO A 45 -37.78 15.29 11.67
C PRO A 45 -36.50 15.20 12.50
N SER A 46 -35.67 14.22 12.18
CA SER A 46 -34.39 14.07 12.87
C SER A 46 -33.27 14.30 11.87
N LEU A 47 -32.32 15.15 12.25
CA LEU A 47 -31.19 15.45 11.38
C LEU A 47 -30.05 14.47 11.61
N THR A 48 -30.19 13.62 12.60
CA THR A 48 -29.11 12.71 12.99
C THR A 48 -29.59 11.29 13.35
N VAL A 49 -28.78 10.29 13.03
CA VAL A 49 -29.00 8.93 13.50
C VAL A 49 -27.68 8.22 13.75
N GLN A 50 -27.66 7.38 14.75
CA GLN A 50 -26.52 6.54 15.05
C GLN A 50 -26.99 5.40 15.92
N TRP A 51 -26.63 4.17 15.53
CA TRP A 51 -26.93 3.02 16.34
C TRP A 51 -26.03 3.03 17.57
N LEU A 52 -26.63 2.78 18.73
CA LEU A 52 -25.85 2.40 19.89
C LEU A 52 -25.27 1.01 19.62
N PRO A 53 -24.12 0.69 20.23
CA PRO A 53 -23.43 -0.57 19.95
C PRO A 53 -24.04 -1.81 20.61
N GLU A 54 -24.98 -1.62 21.54
CA GLU A 54 -25.54 -2.75 22.26
C GLU A 54 -26.66 -3.46 21.50
N VAL A 55 -26.66 -4.79 21.57
CA VAL A 55 -27.75 -5.60 21.05
C VAL A 55 -28.05 -6.73 22.02
N THR A 56 -29.28 -7.22 21.99
CA THR A 56 -29.67 -8.36 22.81
C THR A 56 -30.87 -9.10 22.22
N LYS A 57 -30.83 -10.44 22.30
CA LYS A 57 -31.95 -11.25 21.83
C LYS A 57 -32.69 -11.81 23.04
N PRO A 58 -33.70 -11.08 23.52
CA PRO A 58 -34.38 -11.46 24.75
C PRO A 58 -34.97 -12.86 24.67
N GLU A 59 -34.76 -13.64 25.73
CA GLU A 59 -35.26 -15.01 25.81
C GLU A 59 -36.77 -15.08 25.63
N GLY A 60 -37.21 -15.96 24.74
CA GLY A 60 -38.64 -16.18 24.53
C GLY A 60 -39.29 -15.23 23.54
N LYS A 61 -38.50 -14.29 23.02
CA LYS A 61 -39.01 -13.34 22.05
C LYS A 61 -38.50 -13.69 20.66
N ASP A 62 -39.27 -13.33 19.64
CA ASP A 62 -38.90 -13.63 18.25
C ASP A 62 -38.34 -12.40 17.55
N TYR A 63 -37.70 -11.52 18.31
CA TYR A 63 -37.10 -10.31 17.78
C TYR A 63 -35.85 -9.95 18.57
N ALA A 64 -35.12 -8.94 18.11
CA ALA A 64 -33.94 -8.46 18.82
C ALA A 64 -34.07 -7.00 19.19
N LEU A 65 -33.52 -6.64 20.35
CA LEU A 65 -33.50 -5.25 20.78
C LEU A 65 -32.30 -4.50 20.21
N HIS A 66 -32.57 -3.36 19.58
CA HIS A 66 -31.51 -2.47 19.12
C HIS A 66 -31.83 -1.05 19.59
N TRP A 67 -30.82 -0.18 19.62
CA TRP A 67 -31.02 1.20 20.07
C TRP A 67 -30.48 2.24 19.09
N LEU A 68 -31.24 3.32 18.92
CA LEU A 68 -30.83 4.42 18.06
C LEU A 68 -30.64 5.68 18.88
N VAL A 69 -29.66 6.50 18.52
CA VAL A 69 -29.56 7.85 19.04
C VAL A 69 -30.14 8.82 18.01
N LEU A 70 -31.22 9.49 18.39
CA LEU A 70 -31.91 10.43 17.50
C LEU A 70 -31.92 11.84 18.07
N GLY A 71 -32.47 12.76 17.29
CA GLY A 71 -32.61 14.14 17.72
C GLY A 71 -33.90 14.73 17.23
N THR A 72 -34.17 15.97 17.63
CA THR A 72 -35.40 16.66 17.25
C THR A 72 -35.07 17.92 16.46
N HIS A 73 -35.96 18.27 15.52
CA HIS A 73 -35.78 19.49 14.74
C HIS A 73 -37.06 20.34 14.75
N THR A 74 -37.16 21.22 15.74
CA THR A 74 -38.23 22.21 15.79
C THR A 74 -37.64 23.58 16.09
N SER A 75 -38.11 24.59 15.38
CA SER A 75 -37.68 25.95 15.63
C SER A 75 -38.68 26.66 16.53
N ASP A 76 -39.89 26.10 16.61
CA ASP A 76 -40.96 26.68 17.42
C ASP A 76 -40.99 26.11 18.84
N GLU A 77 -40.86 24.80 18.96
CA GLU A 77 -41.18 24.11 20.21
C GLU A 77 -39.99 23.38 20.85
N GLN A 78 -40.27 22.58 21.87
CA GLN A 78 -39.22 21.96 22.67
C GLN A 78 -38.49 20.82 21.94
N ASN A 79 -37.17 20.90 21.94
CA ASN A 79 -36.33 19.89 21.31
C ASN A 79 -35.82 18.84 22.32
N HIS A 80 -35.57 17.64 21.82
CA HIS A 80 -35.07 16.55 22.66
C HIS A 80 -33.96 15.77 22.00
N LEU A 81 -33.01 15.30 22.81
CA LEU A 81 -32.07 14.28 22.39
C LEU A 81 -32.70 12.95 22.80
N VAL A 82 -32.86 12.04 21.86
CA VAL A 82 -33.59 10.81 22.14
C VAL A 82 -32.83 9.53 21.81
N VAL A 83 -32.94 8.56 22.71
CA VAL A 83 -32.48 7.22 22.46
C VAL A 83 -33.73 6.35 22.27
N ALA A 84 -33.89 5.79 21.08
CA ALA A 84 -35.04 4.94 20.82
C ALA A 84 -34.67 3.46 20.93
N ARG A 85 -35.61 2.67 21.44
CA ARG A 85 -35.46 1.23 21.49
C ARG A 85 -36.29 0.61 20.38
N VAL A 86 -35.71 -0.29 19.61
CA VAL A 86 -36.44 -0.91 18.50
C VAL A 86 -36.40 -2.43 18.53
N HIS A 87 -37.54 -3.06 18.24
CA HIS A 87 -37.58 -4.50 18.01
C HIS A 87 -37.35 -4.77 16.53
N ILE A 88 -36.25 -5.45 16.22
CA ILE A 88 -36.02 -5.92 14.86
C ILE A 88 -36.32 -7.41 14.84
N PRO A 89 -37.32 -7.81 14.04
CA PRO A 89 -37.78 -9.19 13.97
C PRO A 89 -36.66 -10.15 13.57
N ASN A 90 -36.63 -11.32 14.21
CA ASN A 90 -35.69 -12.37 13.82
C ASN A 90 -36.00 -12.85 12.41
N ASP A 91 -34.96 -13.10 11.64
CA ASP A 91 -35.11 -13.48 10.24
C ASP A 91 -35.98 -14.74 10.09
N ASP A 92 -35.84 -15.67 11.03
CA ASP A 92 -36.61 -16.91 11.01
C ASP A 92 -38.07 -16.67 11.42
N VAL A 113 -47.27 -2.65 11.95
CA VAL A 113 -47.32 -4.11 12.04
C VAL A 113 -45.97 -4.70 12.44
N THR A 114 -45.12 -4.96 11.46
CA THR A 114 -43.81 -5.57 11.71
C THR A 114 -42.85 -4.62 12.42
N GLY A 115 -42.29 -5.08 13.54
CA GLY A 115 -41.33 -4.29 14.30
C GLY A 115 -41.97 -3.32 15.27
N LYS A 116 -41.14 -2.63 16.05
CA LYS A 116 -41.64 -1.74 17.09
C LYS A 116 -40.57 -0.72 17.50
N ILE A 117 -40.98 0.53 17.68
CA ILE A 117 -40.09 1.57 18.18
C ILE A 117 -40.64 2.20 19.47
N GLU A 118 -39.77 2.44 20.43
CA GLU A 118 -40.14 3.05 21.70
C GLU A 118 -39.06 4.01 22.16
N CYS A 119 -39.33 4.75 23.23
CA CYS A 119 -38.34 5.66 23.79
C CYS A 119 -37.67 5.09 25.02
N GLU A 120 -36.36 4.87 24.93
CA GLU A 120 -35.58 4.50 26.08
C GLU A 120 -35.45 5.73 26.96
N ILE A 121 -34.95 6.82 26.38
CA ILE A 121 -34.85 8.09 27.10
C ILE A 121 -35.02 9.30 26.17
N LYS A 122 -35.44 10.41 26.78
CA LYS A 122 -35.71 11.64 26.07
C LYS A 122 -35.16 12.77 26.92
N ILE A 123 -34.22 13.53 26.39
CA ILE A 123 -33.54 14.56 27.17
C ILE A 123 -33.78 15.99 26.64
N ASN A 124 -34.22 16.87 27.53
CA ASN A 124 -34.39 18.29 27.19
C ASN A 124 -33.15 18.85 26.50
N HIS A 125 -33.38 19.46 25.35
CA HIS A 125 -32.29 19.97 24.52
C HIS A 125 -32.66 21.37 24.04
N GLU A 126 -31.71 22.31 24.16
CA GLU A 126 -31.93 23.67 23.69
C GLU A 126 -31.63 23.77 22.20
N GLY A 127 -32.66 24.10 21.42
CA GLY A 127 -32.52 24.17 19.97
C GLY A 127 -32.47 22.78 19.37
N GLU A 128 -32.48 22.70 18.05
CA GLU A 128 -32.47 21.41 17.36
C GLU A 128 -31.15 20.68 17.54
N VAL A 129 -31.17 19.36 17.34
CA VAL A 129 -29.96 18.57 17.42
C VAL A 129 -29.35 18.41 16.03
N ASN A 130 -28.32 19.20 15.74
CA ASN A 130 -27.64 19.15 14.45
C ASN A 130 -26.97 17.80 14.21
N ARG A 131 -26.35 17.27 15.26
CA ARG A 131 -25.73 15.95 15.21
C ARG A 131 -25.51 15.41 16.62
N ALA A 132 -25.71 14.12 16.78
CA ALA A 132 -25.48 13.47 18.07
C ALA A 132 -24.65 12.21 17.87
N ARG A 133 -23.62 12.06 18.68
CA ARG A 133 -22.68 10.97 18.52
C ARG A 133 -22.27 10.43 19.89
N TYR A 134 -22.20 9.11 20.00
CA TYR A 134 -21.84 8.49 21.28
C TYR A 134 -20.35 8.21 21.37
N PRO A 136 -17.38 5.98 21.93
CA PRO A 136 -17.14 4.54 21.78
C PRO A 136 -16.74 3.88 23.10
N GLN A 137 -15.95 4.57 23.91
CA GLN A 137 -15.45 4.02 25.17
C GLN A 137 -16.52 3.96 26.26
N ASN A 138 -17.54 4.81 26.12
CA ASN A 138 -18.65 4.85 27.07
C ASN A 138 -19.91 5.32 26.35
N PRO A 139 -20.68 4.37 25.80
CA PRO A 139 -21.81 4.66 24.91
C PRO A 139 -22.93 5.49 25.53
N HIS A 140 -22.97 5.62 26.86
CA HIS A 140 -23.99 6.47 27.46
C HIS A 140 -23.54 7.92 27.64
N ILE A 141 -22.38 8.24 27.07
CA ILE A 141 -21.91 9.61 26.95
C ILE A 141 -22.11 10.08 25.52
N ILE A 142 -22.87 11.15 25.34
CA ILE A 142 -23.25 11.60 24.01
C ILE A 142 -23.00 13.09 23.80
N ALA A 143 -22.31 13.42 22.71
CA ALA A 143 -22.06 14.82 22.35
C ALA A 143 -23.06 15.28 21.31
N THR A 144 -23.48 16.54 21.40
CA THR A 144 -24.43 17.09 20.44
C THR A 144 -23.98 18.43 19.90
N LYS A 145 -24.41 18.74 18.68
CA LYS A 145 -24.17 20.04 18.07
C LYS A 145 -25.47 20.85 18.06
N THR A 146 -25.39 22.06 18.61
CA THR A 146 -26.55 22.92 18.82
C THR A 146 -26.57 24.02 17.75
N PRO A 147 -27.75 24.64 17.53
CA PRO A 147 -27.78 25.81 16.65
C PRO A 147 -27.02 27.00 17.25
N SER A 148 -26.61 26.89 18.51
CA SER A 148 -25.76 27.89 19.13
C SER A 148 -24.29 27.53 18.94
N SER A 149 -23.42 28.14 19.74
CA SER A 149 -21.98 27.97 19.55
C SER A 149 -21.41 26.78 20.32
N ASP A 150 -21.91 26.56 21.53
CA ASP A 150 -21.43 25.46 22.37
C ASP A 150 -21.83 24.12 21.80
N VAL A 151 -20.93 23.13 21.93
CA VAL A 151 -21.33 21.75 21.72
C VAL A 151 -21.56 21.16 23.11
N LEU A 152 -22.57 20.30 23.22
CA LEU A 152 -22.99 19.82 24.53
C LEU A 152 -22.62 18.36 24.76
N VAL A 153 -22.52 17.98 26.02
CA VAL A 153 -22.21 16.60 26.38
C VAL A 153 -23.20 16.12 27.44
N PHE A 154 -23.85 15.01 27.15
CA PHE A 154 -24.84 14.43 28.06
C PHE A 154 -24.43 13.03 28.49
N ASP A 155 -24.51 12.78 29.79
CA ASP A 155 -24.46 11.43 30.31
C ASP A 155 -25.91 11.05 30.63
N TYR A 156 -26.47 10.14 29.84
CA TYR A 156 -27.91 9.87 29.95
C TYR A 156 -28.32 9.04 31.15
N THR A 157 -27.35 8.51 31.88
CA THR A 157 -27.62 7.81 33.13
C THR A 157 -27.80 8.80 34.28
N LYS A 158 -27.48 10.07 34.01
CA LYS A 158 -27.62 11.12 35.02
C LYS A 158 -28.79 12.04 34.70
N HIS A 159 -29.67 11.59 33.82
CA HIS A 159 -30.86 12.37 33.47
C HIS A 159 -32.12 11.57 33.73
N PRO A 160 -33.19 12.27 34.14
CA PRO A 160 -34.46 11.63 34.51
C PRO A 160 -35.01 10.75 33.38
N ALA A 161 -35.69 9.67 33.75
CA ALA A 161 -36.28 8.74 32.79
C ALA A 161 -37.24 9.44 31.84
N LYS A 162 -38.00 10.39 32.38
CA LYS A 162 -38.88 11.24 31.58
C LYS A 162 -38.48 12.71 31.74
N PRO A 163 -38.41 13.44 30.63
CA PRO A 163 -38.00 14.85 30.66
C PRO A 163 -39.01 15.75 31.35
N ASP A 164 -38.53 16.79 32.02
CA ASP A 164 -39.39 17.78 32.65
C ASP A 164 -39.99 18.68 31.57
N PRO A 165 -41.33 18.72 31.50
CA PRO A 165 -42.05 19.51 30.50
C PRO A 165 -41.67 20.99 30.51
N SER A 166 -41.05 21.45 31.59
CA SER A 166 -40.59 22.83 31.68
C SER A 166 -39.57 23.13 30.59
N GLY A 167 -38.85 22.10 30.16
CA GLY A 167 -37.93 22.21 29.03
C GLY A 167 -36.53 22.67 29.37
N GLU A 168 -36.20 22.67 30.66
CA GLU A 168 -34.87 23.09 31.10
C GLU A 168 -33.80 22.14 30.57
N CYS A 169 -32.80 22.69 29.88
CA CYS A 169 -31.69 21.91 29.36
C CYS A 169 -30.48 22.00 30.28
N ASN A 170 -30.11 20.88 30.89
CA ASN A 170 -28.94 20.84 31.77
C ASN A 170 -27.88 19.85 31.29
N PRO A 171 -27.03 20.28 30.35
CA PRO A 171 -25.97 19.42 29.84
C PRO A 171 -24.95 19.14 30.95
N ASP A 172 -24.34 17.96 30.91
CA ASP A 172 -23.33 17.60 31.89
C ASP A 172 -22.04 18.37 31.63
N LEU A 173 -21.88 18.84 30.39
CA LEU A 173 -20.69 19.59 29.98
C LEU A 173 -21.03 20.52 28.82
N ARG A 174 -20.57 21.76 28.92
CA ARG A 174 -20.62 22.69 27.79
C ARG A 174 -19.21 22.92 27.31
N LEU A 175 -18.95 22.69 26.03
CA LEU A 175 -17.63 22.88 25.47
C LEU A 175 -17.57 24.18 24.70
N ARG A 176 -16.64 25.06 25.05
CA ARG A 176 -16.51 26.35 24.40
C ARG A 176 -15.34 26.37 23.41
N GLY A 177 -15.47 27.19 22.37
CA GLY A 177 -14.43 27.30 21.35
C GLY A 177 -14.91 27.90 20.05
N HIS A 178 -16.16 27.60 19.69
CA HIS A 178 -16.72 28.07 18.42
C HIS A 178 -17.45 29.40 18.54
N GLN A 179 -17.58 30.09 17.42
CA GLN A 179 -18.35 31.34 17.35
C GLN A 179 -19.73 31.10 16.74
N LYS A 180 -19.82 30.08 15.89
CA LYS A 180 -21.09 29.74 15.24
C LYS A 180 -21.43 28.26 15.38
N GLU A 181 -22.56 27.87 14.81
CA GLU A 181 -23.01 26.47 14.82
C GLU A 181 -22.23 25.63 13.82
N GLY A 182 -22.50 24.33 13.82
CA GLY A 182 -21.85 23.40 12.90
C GLY A 182 -22.55 22.06 12.87
N TYR A 183 -21.92 21.09 12.23
CA TYR A 183 -22.47 19.74 12.12
C TYR A 183 -21.44 18.66 12.39
N GLY A 184 -20.21 18.88 11.92
CA GLY A 184 -19.12 17.92 12.09
C GLY A 184 -18.87 17.58 13.55
N LEU A 185 -18.83 16.28 13.85
CA LEU A 185 -18.67 15.80 15.22
C LEU A 185 -18.00 14.43 15.19
N SER A 186 -16.99 14.23 16.04
CA SER A 186 -16.24 12.98 16.01
C SER A 186 -15.51 12.66 17.31
N TRP A 187 -15.85 11.52 17.90
CA TRP A 187 -15.13 11.01 19.07
C TRP A 187 -13.90 10.23 18.62
N ASN A 188 -12.86 10.19 19.46
CA ASN A 188 -11.68 9.40 19.16
C ASN A 188 -11.80 7.99 19.72
N SER A 189 -11.80 7.00 18.82
CA SER A 189 -11.99 5.61 19.21
C SER A 189 -10.76 5.02 19.91
N ASN A 190 -9.67 5.78 19.88
CA ASN A 190 -8.40 5.31 20.45
C ASN A 190 -7.93 6.21 21.58
N LEU A 191 -8.54 7.38 21.71
CA LEU A 191 -8.16 8.31 22.76
C LEU A 191 -9.42 8.80 23.50
N SER A 192 -9.78 8.08 24.55
CA SER A 192 -11.01 8.30 25.28
C SER A 192 -11.19 9.73 25.78
N GLY A 193 -12.24 10.39 25.32
CA GLY A 193 -12.58 11.74 25.78
C GLY A 193 -12.23 12.83 24.80
N HIS A 194 -11.51 12.48 23.75
CA HIS A 194 -11.05 13.46 22.77
C HIS A 194 -12.06 13.64 21.64
N LEU A 195 -12.67 14.81 21.61
CA LEU A 195 -13.77 15.10 20.69
C LEU A 195 -13.42 16.21 19.72
N LEU A 196 -13.81 16.04 18.46
CA LEU A 196 -13.59 17.05 17.43
C LEU A 196 -14.91 17.64 16.98
N SER A 197 -14.89 18.93 16.61
CA SER A 197 -16.10 19.60 16.14
C SER A 197 -15.81 20.59 15.03
N ALA A 198 -16.67 20.58 14.01
CA ALA A 198 -16.55 21.51 12.89
C ALA A 198 -17.64 22.57 13.00
N SER A 199 -17.44 23.72 12.36
CA SER A 199 -18.36 24.84 12.51
C SER A 199 -18.37 25.79 11.33
N ASP A 200 -19.36 26.67 11.31
CA ASP A 200 -19.47 27.71 10.28
C ASP A 200 -18.46 28.83 10.51
N ASP A 201 -17.79 28.78 11.66
CA ASP A 201 -16.81 29.81 12.00
C ASP A 201 -15.46 29.54 11.34
N HIS A 202 -15.43 28.57 10.43
CA HIS A 202 -14.24 28.27 9.65
C HIS A 202 -13.25 27.39 10.40
N THR A 203 -13.55 27.06 11.65
CA THR A 203 -12.59 26.38 12.51
C THR A 203 -12.99 24.95 12.88
N VAL A 204 -12.05 24.23 13.49
CA VAL A 204 -12.28 22.89 14.02
C VAL A 204 -11.70 22.79 15.44
N CYS A 205 -12.59 22.71 16.43
CA CYS A 205 -12.16 22.69 17.83
C CYS A 205 -11.84 21.28 18.34
N LEU A 206 -10.98 21.21 19.34
CA LEU A 206 -10.59 19.94 19.96
C LEU A 206 -10.75 20.07 21.47
N TRP A 207 -11.33 19.04 22.10
CA TRP A 207 -11.50 19.04 23.55
C TRP A 207 -11.02 17.74 24.18
N ASP A 208 -10.69 17.82 25.46
CA ASP A 208 -10.43 16.64 26.27
C ASP A 208 -11.34 16.74 27.49
N ILE A 209 -12.46 16.01 27.45
CA ILE A 209 -13.49 16.13 28.49
C ILE A 209 -13.13 15.45 29.81
N ASN A 210 -11.93 14.86 29.86
CA ASN A 210 -11.45 14.24 31.09
C ASN A 210 -10.67 15.21 31.96
N ALA A 211 -10.03 16.18 31.31
CA ALA A 211 -9.24 17.20 32.00
C ALA A 211 -10.11 18.35 32.50
N GLY A 212 -9.66 19.58 32.23
CA GLY A 212 -10.38 20.77 32.66
C GLY A 212 -10.25 21.01 34.14
N PRO A 213 -11.20 21.78 34.71
CA PRO A 213 -11.21 22.05 36.15
C PRO A 213 -12.03 20.99 36.90
N LYS A 214 -12.15 21.15 38.22
CA LYS A 214 -12.95 20.24 39.03
C LYS A 214 -14.44 20.54 38.91
N GLU A 215 -14.74 21.81 38.62
CA GLU A 215 -16.12 22.25 38.42
C GLU A 215 -16.18 23.46 37.47
N GLY A 216 -17.25 23.54 36.68
CA GLY A 216 -18.32 22.55 36.74
C GLY A 216 -18.58 21.87 35.41
N LYS A 217 -19.39 22.50 34.57
CA LYS A 217 -19.84 21.89 33.33
C LYS A 217 -19.30 22.62 32.10
N ILE A 218 -18.14 23.26 32.25
CA ILE A 218 -17.57 24.06 31.16
C ILE A 218 -16.09 23.76 30.92
N VAL A 219 -15.76 23.38 29.69
CA VAL A 219 -14.37 23.14 29.32
C VAL A 219 -13.98 23.95 28.08
N ASP A 220 -12.71 24.30 27.98
CA ASP A 220 -12.21 25.09 26.86
C ASP A 220 -11.57 24.20 25.81
N ALA A 221 -11.56 24.67 24.57
CA ALA A 221 -10.93 23.92 23.48
C ALA A 221 -9.43 23.78 23.74
N LYS A 222 -8.91 22.57 23.52
CA LYS A 222 -7.48 22.35 23.66
C LYS A 222 -6.74 22.85 22.43
N ALA A 223 -7.44 22.87 21.29
CA ALA A 223 -6.85 23.35 20.04
C ALA A 223 -7.93 23.88 19.09
N ILE A 224 -7.60 24.92 18.35
CA ILE A 224 -8.51 25.49 17.35
C ILE A 224 -7.81 25.59 16.00
N PHE A 225 -8.12 24.66 15.10
CA PHE A 225 -7.49 24.59 13.79
C PHE A 225 -8.16 25.55 12.81
N THR A 226 -7.37 26.39 12.15
CA THR A 226 -7.91 27.44 11.29
C THR A 226 -7.48 27.30 9.83
N GLY A 227 -7.03 26.10 9.47
CA GLY A 227 -6.53 25.84 8.12
C GLY A 227 -7.48 26.16 6.98
N HIS A 228 -8.78 26.16 7.28
CA HIS A 228 -9.79 26.43 6.27
C HIS A 228 -10.14 27.90 6.16
N SER A 229 -10.63 28.30 4.99
CA SER A 229 -10.98 29.69 4.73
C SER A 229 -12.48 29.88 4.56
N ALA A 230 -13.23 28.80 4.73
CA ALA A 230 -14.68 28.83 4.62
C ALA A 230 -15.33 27.88 5.61
N VAL A 231 -16.65 27.80 5.56
CA VAL A 231 -17.42 26.93 6.46
C VAL A 231 -16.97 25.47 6.37
N VAL A 232 -16.38 24.96 7.45
CA VAL A 232 -15.93 23.58 7.49
C VAL A 232 -17.08 22.64 7.86
N GLU A 233 -17.38 21.71 6.96
CA GLU A 233 -18.61 20.93 7.00
C GLU A 233 -18.55 19.67 7.88
N ASP A 234 -17.42 18.98 7.87
CA ASP A 234 -17.32 17.72 8.60
C ASP A 234 -15.92 17.48 9.13
N VAL A 235 -15.83 16.68 10.19
CA VAL A 235 -14.54 16.31 10.77
C VAL A 235 -14.59 14.86 11.23
N ALA A 236 -13.46 14.16 11.14
CA ALA A 236 -13.40 12.76 11.52
C ALA A 236 -12.00 12.35 11.99
N TRP A 237 -11.96 11.60 13.08
CA TRP A 237 -10.71 10.99 13.54
C TRP A 237 -10.35 9.82 12.64
N HIS A 238 -9.06 9.50 12.58
CA HIS A 238 -8.63 8.28 11.92
C HIS A 238 -8.95 7.12 12.86
N LEU A 239 -9.40 6.01 12.30
CA LEU A 239 -9.88 4.90 13.11
C LEU A 239 -8.77 4.04 13.71
N LEU A 240 -7.53 4.31 13.29
CA LEU A 240 -6.39 3.49 13.72
C LEU A 240 -5.24 4.29 14.33
N HIS A 241 -4.88 5.41 13.71
CA HIS A 241 -3.82 6.26 14.24
C HIS A 241 -4.40 7.41 15.07
N GLU A 242 -4.16 7.35 16.38
CA GLU A 242 -4.83 8.21 17.35
C GLU A 242 -4.51 9.71 17.26
N SER A 243 -3.66 10.10 16.31
CA SER A 243 -3.25 11.50 16.22
C SER A 243 -3.67 12.17 14.92
N LEU A 244 -4.19 11.37 13.99
CA LEU A 244 -4.59 11.89 12.68
C LEU A 244 -6.11 12.08 12.59
N PHE A 245 -6.51 13.16 11.92
CA PHE A 245 -7.92 13.39 11.64
C PHE A 245 -8.11 14.22 10.38
N GLY A 246 -9.24 14.01 9.72
CA GLY A 246 -9.53 14.70 8.46
C GLY A 246 -10.59 15.76 8.62
N SER A 247 -10.49 16.82 7.82
CA SER A 247 -11.46 17.90 7.84
C SER A 247 -11.88 18.25 6.42
N VAL A 248 -13.05 18.85 6.30
CA VAL A 248 -13.67 19.08 5.00
C VAL A 248 -14.52 20.35 5.04
N ALA A 249 -14.35 21.21 4.04
CA ALA A 249 -14.99 22.53 4.07
C ALA A 249 -15.53 23.00 2.72
N ASP A 250 -16.07 24.22 2.71
CA ASP A 250 -16.68 24.81 1.53
C ASP A 250 -15.66 25.44 0.59
N ASP A 251 -14.39 25.43 0.99
CA ASP A 251 -13.32 25.93 0.14
C ASP A 251 -12.90 24.85 -0.88
N GLN A 252 -13.64 23.74 -0.88
CA GLN A 252 -13.40 22.64 -1.80
C GLN A 252 -12.17 21.81 -1.43
N LYS A 253 -11.69 21.98 -0.19
CA LYS A 253 -10.45 21.33 0.24
C LYS A 253 -10.61 20.26 1.32
N LEU A 254 -9.94 19.13 1.11
CA LEU A 254 -9.83 18.09 2.12
C LEU A 254 -8.48 18.19 2.82
N ILE A 256 -5.88 17.08 6.13
CA ILE A 256 -5.56 16.04 7.10
C ILE A 256 -4.58 16.59 8.13
N TRP A 257 -4.97 16.50 9.40
CA TRP A 257 -4.19 17.13 10.47
C TRP A 257 -3.49 16.11 11.36
N ASP A 258 -2.51 16.59 12.11
CA ASP A 258 -1.82 15.78 13.11
C ASP A 258 -1.78 16.54 14.41
N THR A 259 -2.19 15.90 15.50
CA THR A 259 -2.35 16.57 16.79
C THR A 259 -1.02 16.86 17.49
N ARG A 260 -0.03 15.99 17.29
CA ARG A 260 1.26 16.16 17.94
C ARG A 260 2.14 17.20 17.22
N SER A 261 1.66 17.65 16.06
CA SER A 261 2.31 18.73 15.32
C SER A 261 1.90 20.08 15.91
N ASN A 262 2.88 20.91 16.22
CA ASN A 262 2.63 22.19 16.88
C ASN A 262 2.31 23.35 15.93
N THR A 263 1.33 23.15 15.06
CA THR A 263 0.84 24.21 14.18
C THR A 263 -0.63 23.99 13.82
N THR A 264 -1.48 24.92 14.27
CA THR A 264 -2.93 24.76 14.11
C THR A 264 -3.50 25.68 13.02
N SER A 265 -2.75 25.83 11.93
CA SER A 265 -3.21 26.64 10.80
C SER A 265 -2.69 26.08 9.48
N LYS A 266 -1.94 24.99 9.57
CA LYS A 266 -1.37 24.33 8.39
C LYS A 266 -1.34 22.83 8.60
N PRO A 267 -2.15 22.10 7.81
CA PRO A 267 -2.30 20.64 7.96
C PRO A 267 -1.15 19.87 7.32
N SER A 268 -0.99 18.62 7.72
CA SER A 268 0.05 17.76 7.15
C SER A 268 -0.12 17.61 5.65
N HIS A 269 -1.37 17.50 5.21
CA HIS A 269 -1.67 17.42 3.78
C HIS A 269 -2.85 18.33 3.42
N LEU A 270 -2.86 18.80 2.18
CA LEU A 270 -3.94 19.65 1.68
C LEU A 270 -4.32 19.20 0.27
N VAL A 271 -5.59 18.91 0.07
CA VAL A 271 -6.06 18.36 -1.20
C VAL A 271 -7.20 19.17 -1.81
N ASP A 272 -7.10 19.44 -3.10
CA ASP A 272 -8.19 20.06 -3.84
C ASP A 272 -9.14 18.96 -4.28
N ALA A 273 -10.04 18.57 -3.37
CA ALA A 273 -10.82 17.35 -3.52
C ALA A 273 -11.93 17.39 -4.55
N HIS A 274 -12.66 18.50 -4.61
CA HIS A 274 -13.81 18.59 -5.51
C HIS A 274 -13.95 19.94 -6.19
N THR A 275 -14.76 19.98 -7.24
CA THR A 275 -15.03 21.22 -7.96
C THR A 275 -16.05 22.09 -7.23
N ALA A 276 -16.67 21.50 -6.20
CA ALA A 276 -17.64 22.21 -5.38
C ALA A 276 -17.36 21.96 -3.89
N GLU A 277 -18.22 22.50 -3.03
CA GLU A 277 -18.03 22.38 -1.58
C GLU A 277 -18.07 20.91 -1.12
N VAL A 278 -17.21 20.59 -0.16
CA VAL A 278 -17.11 19.24 0.36
C VAL A 278 -17.90 19.14 1.67
N ASN A 279 -18.78 18.15 1.76
CA ASN A 279 -19.75 18.09 2.86
C ASN A 279 -19.47 17.04 3.93
N CYS A 280 -18.82 15.95 3.55
CA CYS A 280 -18.59 14.85 4.47
C CYS A 280 -17.36 14.02 4.10
N LEU A 281 -16.85 13.29 5.08
CA LEU A 281 -15.73 12.37 4.88
C LEU A 281 -15.88 11.17 5.80
N SER A 282 -15.36 10.03 5.37
CA SER A 282 -15.45 8.80 6.17
C SER A 282 -14.24 7.90 5.95
N PHE A 283 -13.56 7.57 7.05
CA PHE A 283 -12.41 6.66 6.99
C PHE A 283 -12.86 5.21 6.98
N ASN A 284 -12.17 4.39 6.19
CA ASN A 284 -12.48 2.96 6.11
C ASN A 284 -12.03 2.23 7.37
N PRO A 285 -12.95 1.50 8.01
CA PRO A 285 -12.70 0.80 9.28
C PRO A 285 -11.69 -0.34 9.19
N TYR A 286 -11.37 -0.77 7.97
CA TYR A 286 -10.46 -1.91 7.79
C TYR A 286 -9.12 -1.50 7.19
N SER A 287 -9.15 -0.65 6.17
CA SER A 287 -7.93 -0.14 5.59
C SER A 287 -7.49 1.13 6.33
N GLU A 288 -6.22 1.16 6.75
CA GLU A 288 -5.69 2.30 7.47
C GLU A 288 -5.31 3.44 6.53
N PHE A 289 -5.53 3.23 5.23
CA PHE A 289 -5.10 4.20 4.23
C PHE A 289 -6.24 4.89 3.49
N ILE A 290 -7.27 4.13 3.11
CA ILE A 290 -8.31 4.70 2.25
C ILE A 290 -9.36 5.54 2.96
N LEU A 291 -9.96 6.47 2.21
CA LEU A 291 -10.82 7.51 2.75
C LEU A 291 -11.84 7.86 1.67
N ALA A 292 -13.07 8.18 2.07
CA ALA A 292 -14.08 8.61 1.11
C ALA A 292 -14.56 10.03 1.40
N THR A 293 -15.04 10.71 0.37
CA THR A 293 -15.43 12.11 0.50
C THR A 293 -16.65 12.43 -0.35
N GLY A 294 -17.62 13.14 0.25
CA GLY A 294 -18.84 13.52 -0.46
C GLY A 294 -18.90 15.01 -0.72
N SER A 295 -19.37 15.39 -1.90
CA SER A 295 -19.35 16.80 -2.30
C SER A 295 -20.65 17.30 -2.90
N ALA A 296 -20.69 18.60 -3.16
CA ALA A 296 -21.84 19.23 -3.80
C ALA A 296 -21.81 19.04 -5.30
N ASP A 297 -20.72 18.47 -5.82
CA ASP A 297 -20.61 18.19 -7.24
C ASP A 297 -21.23 16.83 -7.59
N LYS A 298 -22.01 16.29 -6.66
CA LYS A 298 -22.79 15.07 -6.89
C LYS A 298 -21.91 13.82 -7.04
N THR A 299 -20.71 13.84 -6.46
CA THR A 299 -19.80 12.71 -6.56
C THR A 299 -19.15 12.36 -5.22
N VAL A 300 -18.76 11.10 -5.10
CA VAL A 300 -17.94 10.65 -3.98
C VAL A 300 -16.54 10.34 -4.50
N ALA A 301 -15.53 10.78 -3.77
CA ALA A 301 -14.14 10.58 -4.18
C ALA A 301 -13.40 9.62 -3.24
N LEU A 302 -12.68 8.68 -3.83
CA LEU A 302 -11.87 7.74 -3.05
C LEU A 302 -10.47 8.34 -2.89
N TRP A 303 -9.90 8.19 -1.69
CA TRP A 303 -8.58 8.73 -1.41
C TRP A 303 -7.70 7.72 -0.67
N ASP A 304 -6.41 7.75 -0.97
CA ASP A 304 -5.44 6.92 -0.26
C ASP A 304 -4.44 7.83 0.44
N LEU A 305 -4.13 7.51 1.69
CA LEU A 305 -3.25 8.36 2.51
C LEU A 305 -1.82 8.44 1.99
N ARG A 306 -1.38 7.39 1.30
CA ARG A 306 -0.02 7.36 0.76
C ARG A 306 0.20 8.50 -0.24
N ASN A 307 -0.74 8.65 -1.17
CA ASN A 307 -0.67 9.70 -2.18
C ASN A 307 -2.00 10.43 -2.35
N LEU A 308 -2.08 11.62 -1.80
CA LEU A 308 -3.30 12.42 -1.84
C LEU A 308 -3.54 13.06 -3.20
N LYS A 309 -2.46 13.42 -3.90
CA LYS A 309 -2.55 14.06 -5.20
C LYS A 309 -3.47 13.28 -6.14
N LEU A 310 -3.33 11.96 -6.14
CA LEU A 310 -4.12 11.10 -7.01
C LEU A 310 -5.49 10.76 -6.40
N LYS A 311 -6.55 11.22 -7.06
CA LYS A 311 -7.90 10.82 -6.70
C LYS A 311 -8.17 9.43 -7.25
N LEU A 312 -8.15 8.43 -6.38
CA LEU A 312 -8.27 7.03 -6.78
C LEU A 312 -9.47 6.76 -7.68
N HIS A 313 -10.66 7.19 -7.26
CA HIS A 313 -11.88 6.90 -8.01
C HIS A 313 -12.95 7.96 -7.78
N THR A 314 -13.94 7.99 -8.68
CA THR A 314 -15.06 8.91 -8.56
C THR A 314 -16.38 8.16 -8.77
N PHE A 315 -17.22 8.17 -7.74
CA PHE A 315 -18.52 7.52 -7.79
C PHE A 315 -19.58 8.47 -8.33
N GLU A 316 -20.11 8.14 -9.50
CA GLU A 316 -21.14 8.95 -10.13
C GLU A 316 -22.48 8.21 -10.14
N SER A 317 -23.55 8.97 -9.88
CA SER A 317 -24.92 8.45 -9.92
C SER A 317 -25.89 9.35 -9.17
N HIS A 318 -25.42 9.95 -8.08
CA HIS A 318 -26.24 10.90 -7.33
C HIS A 318 -26.61 12.09 -8.20
N LYS A 319 -27.86 12.51 -8.11
CA LYS A 319 -28.40 13.56 -8.97
C LYS A 319 -28.37 14.93 -8.31
N ASP A 320 -27.82 14.99 -7.10
CA ASP A 320 -27.81 16.24 -6.33
C ASP A 320 -26.70 16.18 -5.28
N GLU A 321 -26.63 17.21 -4.43
CA GLU A 321 -25.62 17.27 -3.38
C GLU A 321 -25.58 16.02 -2.50
N ILE A 322 -24.39 15.67 -2.05
CA ILE A 322 -24.18 14.55 -1.15
C ILE A 322 -23.77 15.08 0.21
N PHE A 323 -24.46 14.66 1.26
CA PHE A 323 -24.20 15.19 2.60
C PHE A 323 -23.69 14.18 3.61
N GLN A 324 -23.85 12.90 3.32
CA GLN A 324 -23.39 11.86 4.24
C GLN A 324 -22.77 10.67 3.53
N VAL A 325 -21.67 10.17 4.08
CA VAL A 325 -20.98 9.02 3.52
C VAL A 325 -20.46 8.14 4.67
N HIS A 326 -20.73 6.83 4.58
CA HIS A 326 -20.37 5.90 5.65
C HIS A 326 -19.97 4.53 5.10
N TRP A 327 -18.86 4.00 5.61
CA TRP A 327 -18.39 2.67 5.24
C TRP A 327 -19.17 1.60 5.99
N SER A 328 -19.28 0.43 5.38
CA SER A 328 -19.86 -0.72 6.05
C SER A 328 -18.90 -1.19 7.15
N PRO A 329 -19.44 -1.47 8.34
CA PRO A 329 -18.65 -1.98 9.45
C PRO A 329 -18.46 -3.50 9.40
N HIS A 330 -18.91 -4.12 8.31
CA HIS A 330 -18.79 -5.57 8.17
C HIS A 330 -18.02 -5.95 6.90
N ASN A 331 -18.25 -5.20 5.84
CA ASN A 331 -17.58 -5.46 4.56
C ASN A 331 -16.72 -4.29 4.13
N GLU A 332 -15.42 -4.52 4.05
CA GLU A 332 -14.45 -3.46 3.78
C GLU A 332 -14.59 -2.79 2.42
N THR A 333 -15.24 -3.47 1.48
CA THR A 333 -15.37 -2.95 0.11
C THR A 333 -16.73 -2.30 -0.12
N ILE A 334 -17.52 -2.13 0.94
CA ILE A 334 -18.86 -1.57 0.81
C ILE A 334 -18.97 -0.14 1.35
N LEU A 335 -19.54 0.75 0.54
CA LEU A 335 -19.65 2.16 0.87
C LEU A 335 -21.07 2.63 0.60
N ALA A 336 -21.57 3.53 1.45
CA ALA A 336 -22.90 4.12 1.25
C ALA A 336 -22.84 5.65 1.32
N SER A 337 -23.70 6.30 0.54
CA SER A 337 -23.77 7.76 0.50
C SER A 337 -25.20 8.23 0.28
N SER A 338 -25.56 9.32 0.94
CA SER A 338 -26.89 9.88 0.83
C SER A 338 -26.83 11.39 0.58
N GLY A 339 -27.92 11.97 0.10
CA GLY A 339 -27.95 13.40 -0.15
C GLY A 339 -29.30 14.02 -0.41
N THR A 340 -29.30 15.12 -1.17
CA THR A 340 -30.51 15.89 -1.42
C THR A 340 -31.40 15.26 -2.48
N ASP A 341 -30.82 14.38 -3.30
CA ASP A 341 -31.60 13.70 -4.34
C ASP A 341 -32.51 12.62 -3.73
N ARG A 342 -32.56 12.59 -2.40
CA ARG A 342 -33.47 11.71 -1.67
C ARG A 342 -33.11 10.24 -1.83
N ARG A 343 -31.90 9.97 -2.28
CA ARG A 343 -31.46 8.61 -2.54
C ARG A 343 -30.30 8.21 -1.65
N LEU A 344 -30.26 6.94 -1.27
CA LEU A 344 -29.10 6.40 -0.59
C LEU A 344 -28.47 5.32 -1.46
N ASN A 345 -27.26 5.61 -1.94
CA ASN A 345 -26.55 4.71 -2.83
C ASN A 345 -25.56 3.84 -2.09
N VAL A 346 -25.53 2.56 -2.43
CA VAL A 346 -24.57 1.63 -1.86
C VAL A 346 -23.58 1.20 -2.94
N TRP A 347 -22.29 1.34 -2.65
CA TRP A 347 -21.23 1.05 -3.62
C TRP A 347 -20.40 -0.17 -3.22
N ASP A 348 -19.96 -0.92 -4.22
CA ASP A 348 -19.07 -2.07 -4.01
C ASP A 348 -17.76 -1.85 -4.77
N LEU A 349 -16.72 -1.45 -4.05
CA LEU A 349 -15.44 -1.10 -4.66
C LEU A 349 -14.85 -2.25 -5.49
N SER A 350 -15.17 -3.49 -5.11
CA SER A 350 -14.60 -4.65 -5.77
C SER A 350 -15.07 -4.81 -7.21
N LYS A 351 -16.04 -3.99 -7.61
CA LYS A 351 -16.59 -4.07 -8.97
C LYS A 351 -16.20 -2.86 -9.83
N ILE A 352 -15.25 -2.07 -9.35
CA ILE A 352 -14.76 -0.92 -10.11
C ILE A 352 -13.98 -1.35 -11.35
N GLY A 353 -14.21 -0.65 -12.45
CA GLY A 353 -13.48 -0.89 -13.69
C GLY A 353 -13.93 -2.13 -14.44
N GLU A 354 -14.87 -2.87 -13.84
CA GLU A 354 -15.40 -4.09 -14.42
C GLU A 354 -16.27 -3.79 -15.64
N GLU A 355 -16.20 -4.66 -16.64
CA GLU A 355 -16.94 -4.48 -17.89
C GLU A 355 -18.43 -4.77 -17.73
N GLN A 356 -19.25 -4.09 -18.53
CA GLN A 356 -20.70 -4.27 -18.47
C GLN A 356 -21.35 -4.00 -19.82
N SER A 357 -22.54 -4.56 -20.03
CA SER A 357 -23.28 -4.36 -21.26
C SER A 357 -23.81 -2.94 -21.36
N ALA A 358 -24.36 -2.59 -22.53
CA ALA A 358 -24.87 -1.24 -22.76
C ALA A 358 -26.15 -0.97 -21.98
N GLU A 359 -26.99 -2.00 -21.84
CA GLU A 359 -28.25 -1.87 -21.11
C GLU A 359 -28.02 -1.71 -19.61
N ASP A 360 -26.91 -2.25 -19.12
CA ASP A 360 -26.55 -2.13 -17.70
C ASP A 360 -25.78 -0.84 -17.43
N ALA A 361 -25.03 -0.38 -18.42
CA ALA A 361 -24.24 0.84 -18.28
C ALA A 361 -25.12 2.08 -18.27
N GLU A 362 -26.37 1.92 -18.72
CA GLU A 362 -27.32 3.02 -18.73
C GLU A 362 -27.86 3.30 -17.33
N ASP A 363 -27.76 2.30 -16.45
CA ASP A 363 -28.26 2.43 -15.09
C ASP A 363 -27.21 3.00 -14.15
N GLY A 364 -25.95 2.91 -14.55
CA GLY A 364 -24.85 3.45 -13.75
C GLY A 364 -23.59 2.62 -13.82
N PRO A 365 -22.53 3.07 -13.14
CA PRO A 365 -21.24 2.38 -13.13
C PRO A 365 -21.35 1.02 -12.46
N PRO A 366 -20.42 0.11 -12.75
CA PRO A 366 -20.45 -1.26 -12.24
C PRO A 366 -20.39 -1.34 -10.71
N GLU A 367 -19.78 -0.35 -10.07
CA GLU A 367 -19.61 -0.38 -8.62
C GLU A 367 -20.89 0.03 -7.88
N LEU A 368 -21.90 0.46 -8.64
CA LEU A 368 -23.18 0.82 -8.06
C LEU A 368 -23.97 -0.44 -7.73
N LEU A 369 -24.05 -0.75 -6.44
CA LEU A 369 -24.68 -1.99 -5.99
C LEU A 369 -26.19 -1.83 -5.83
N PHE A 370 -26.61 -0.73 -5.21
CA PHE A 370 -27.99 -0.59 -4.77
C PHE A 370 -28.38 0.88 -4.62
N ILE A 371 -29.57 1.23 -5.06
CA ILE A 371 -30.12 2.56 -4.82
C ILE A 371 -31.36 2.46 -3.96
N HIS A 372 -31.27 2.98 -2.74
CA HIS A 372 -32.40 2.97 -1.83
C HIS A 372 -33.30 4.17 -2.13
N GLY A 373 -34.53 3.89 -2.56
CA GLY A 373 -35.47 4.95 -2.91
C GLY A 373 -36.74 4.94 -2.07
N GLY A 374 -36.57 4.76 -0.76
CA GLY A 374 -37.72 4.72 0.15
C GLY A 374 -38.08 6.07 0.73
N HIS A 375 -37.16 7.02 0.64
CA HIS A 375 -37.40 8.35 1.20
C HIS A 375 -38.00 9.30 0.19
N THR A 376 -38.86 10.18 0.67
CA THR A 376 -39.58 11.11 -0.19
C THR A 376 -39.12 12.55 0.03
N ALA A 377 -38.04 12.70 0.79
CA ALA A 377 -37.39 13.99 1.00
C ALA A 377 -35.91 13.78 1.26
N LYS A 378 -35.16 14.89 1.32
CA LYS A 378 -33.72 14.82 1.54
C LYS A 378 -33.38 13.94 2.74
N ILE A 379 -32.37 13.08 2.58
CA ILE A 379 -31.86 12.27 3.67
C ILE A 379 -30.82 13.07 4.46
N SER A 380 -31.08 13.27 5.75
CA SER A 380 -30.22 14.09 6.59
C SER A 380 -29.04 13.32 7.16
N ASP A 381 -29.22 12.01 7.33
CA ASP A 381 -28.20 11.17 7.92
C ASP A 381 -28.64 9.72 7.81
N PHE A 382 -27.69 8.81 7.97
CA PHE A 382 -27.99 7.39 8.05
C PHE A 382 -26.92 6.69 8.87
N SER A 383 -27.16 5.42 9.19
CA SER A 383 -26.25 4.69 10.07
C SER A 383 -26.28 3.19 9.80
N TRP A 384 -25.10 2.62 9.59
CA TRP A 384 -24.96 1.18 9.43
C TRP A 384 -25.11 0.50 10.78
N ASN A 385 -25.94 -0.53 10.83
CA ASN A 385 -26.10 -1.32 12.05
C ASN A 385 -24.84 -2.13 12.32
N PRO A 386 -24.26 -1.97 13.52
CA PRO A 386 -22.99 -2.59 13.86
C PRO A 386 -23.12 -4.05 14.25
N ASN A 387 -24.35 -4.52 14.45
CA ASN A 387 -24.58 -5.88 14.93
C ASN A 387 -25.28 -6.78 13.92
N GLU A 388 -26.03 -6.17 13.01
CA GLU A 388 -26.71 -6.90 11.94
C GLU A 388 -26.23 -6.44 10.58
N PRO A 389 -25.42 -7.27 9.91
CA PRO A 389 -24.88 -6.93 8.60
C PRO A 389 -25.95 -6.48 7.61
N TRP A 390 -25.65 -5.41 6.88
CA TRP A 390 -26.52 -4.91 5.81
C TRP A 390 -27.79 -4.22 6.27
N VAL A 391 -27.96 -4.07 7.58
CA VAL A 391 -29.08 -3.32 8.12
C VAL A 391 -28.69 -1.86 8.28
N ILE A 392 -29.51 -0.97 7.72
CA ILE A 392 -29.23 0.46 7.79
C ILE A 392 -30.44 1.20 8.34
N CYS A 393 -30.17 2.35 8.98
CA CYS A 393 -31.23 3.27 9.35
C CYS A 393 -30.95 4.64 8.77
N SER A 394 -31.90 5.16 8.01
CA SER A 394 -31.77 6.49 7.42
C SER A 394 -32.94 7.37 7.86
N VAL A 395 -32.70 8.68 7.90
CA VAL A 395 -33.72 9.64 8.30
C VAL A 395 -33.82 10.78 7.31
N SER A 396 -35.04 11.15 6.95
CA SER A 396 -35.27 12.21 5.97
C SER A 396 -35.93 13.44 6.60
N GLU A 397 -35.87 14.57 5.88
CA GLU A 397 -36.35 15.84 6.40
C GLU A 397 -37.85 15.90 6.57
N ASP A 398 -38.55 14.88 6.07
CA ASP A 398 -40.01 14.85 6.14
C ASP A 398 -40.52 13.97 7.28
N ASN A 399 -39.70 13.85 8.33
CA ASN A 399 -40.08 13.16 9.58
C ASN A 399 -39.94 11.62 9.55
N ILE A 400 -39.62 11.08 8.38
CA ILE A 400 -39.56 9.63 8.21
C ILE A 400 -38.22 9.06 8.66
N GLN A 402 -36.31 5.16 8.44
CA GLN A 402 -36.44 3.82 7.89
C GLN A 402 -35.31 2.90 8.33
N ILE A 403 -35.68 1.77 8.90
CA ILE A 403 -34.71 0.72 9.19
C ILE A 403 -34.90 -0.33 8.12
N TRP A 404 -33.86 -0.58 7.33
CA TRP A 404 -34.02 -1.46 6.18
C TRP A 404 -32.80 -2.32 5.89
N GLN A 405 -33.01 -3.37 5.10
CA GLN A 405 -31.96 -4.29 4.74
C GLN A 405 -32.13 -4.83 3.33
N ALA A 407 -31.80 -7.06 0.00
CA ALA A 407 -32.01 -8.50 -0.20
C ALA A 407 -30.68 -9.21 -0.37
N GLU A 408 -30.51 -10.32 0.36
CA GLU A 408 -29.28 -11.10 0.30
C GLU A 408 -28.95 -11.45 -1.14
N ASN A 409 -29.98 -11.87 -1.87
CA ASN A 409 -29.91 -12.16 -3.29
C ASN A 409 -29.05 -11.18 -4.08
N ILE A 410 -28.91 -9.96 -3.57
CA ILE A 410 -28.24 -8.89 -4.32
C ILE A 410 -26.74 -8.73 -4.02
N TYR A 411 -26.33 -8.94 -2.78
CA TYR A 411 -24.91 -8.80 -2.43
C TYR A 411 -24.17 -10.13 -2.40
N ASN A 412 -24.87 -11.20 -2.06
CA ASN A 412 -24.27 -12.52 -1.97
C ASN A 412 -24.76 -13.47 -3.06
N ASP A 413 -23.82 -14.11 -3.76
CA ASP A 413 -24.16 -15.05 -4.81
C ASP A 413 -24.77 -16.33 -4.25
N ASP B 1 -29.66 -25.08 -15.12
CA ASP B 1 -29.77 -23.78 -14.39
C ASP B 1 -30.96 -23.76 -13.42
N ASN B 2 -30.87 -22.88 -12.42
CA ASN B 2 -31.95 -22.72 -11.46
C ASN B 2 -32.67 -21.37 -11.62
N ILE B 3 -33.84 -21.26 -11.01
CA ILE B 3 -34.68 -20.08 -11.15
C ILE B 3 -34.12 -18.83 -10.47
N GLN B 4 -33.36 -19.01 -9.40
CA GLN B 4 -32.73 -17.87 -8.74
C GLN B 4 -31.71 -17.23 -9.67
N GLY B 5 -30.96 -18.07 -10.39
CA GLY B 5 -29.98 -17.59 -11.36
C GLY B 5 -30.64 -16.84 -12.51
N ILE B 6 -31.93 -17.08 -12.71
CA ILE B 6 -32.69 -16.39 -13.74
C ILE B 6 -33.11 -15.00 -13.29
N THR B 7 -33.52 -14.89 -12.02
CA THR B 7 -34.02 -13.63 -11.50
C THR B 7 -32.96 -12.81 -10.76
N LYS B 8 -31.74 -13.32 -10.70
CA LYS B 8 -30.64 -12.58 -10.08
C LYS B 8 -30.26 -11.33 -10.86
N PRO B 9 -30.09 -11.45 -12.19
CA PRO B 9 -29.74 -10.29 -13.00
C PRO B 9 -30.91 -9.29 -13.09
N ALA B 10 -32.13 -9.80 -12.98
CA ALA B 10 -33.32 -8.96 -13.06
C ALA B 10 -33.49 -8.12 -11.78
N ILE B 11 -33.30 -8.76 -10.64
CA ILE B 11 -33.39 -8.09 -9.35
C ILE B 11 -32.23 -7.09 -9.17
N ARG B 12 -31.03 -7.50 -9.55
CA ARG B 12 -29.85 -6.65 -9.45
C ARG B 12 -29.97 -5.42 -10.35
N ARG B 13 -30.68 -5.56 -11.46
CA ARG B 13 -30.95 -4.40 -12.32
C ARG B 13 -32.00 -3.51 -11.68
N LEU B 14 -33.02 -4.12 -11.09
CA LEU B 14 -34.07 -3.38 -10.38
C LEU B 14 -33.49 -2.62 -9.20
N ALA B 15 -32.45 -3.18 -8.59
CA ALA B 15 -31.80 -2.57 -7.43
C ALA B 15 -31.05 -1.30 -7.80
N ARG B 16 -30.50 -1.28 -9.02
CA ARG B 16 -29.68 -0.16 -9.47
C ARG B 16 -30.52 0.92 -10.16
N ARG B 17 -31.79 0.62 -10.38
CA ARG B 17 -32.73 1.60 -10.90
C ARG B 17 -33.58 2.14 -9.74
N GLY B 18 -33.37 1.58 -8.56
CA GLY B 18 -34.10 1.99 -7.37
C GLY B 18 -35.40 1.21 -7.18
N ALA C 3 37.92 22.28 -28.25
CA ALA C 3 36.84 21.67 -27.47
C ALA C 3 37.39 20.80 -26.36
N ALA C 5 37.26 17.72 -23.54
CA ALA C 5 36.70 16.37 -23.42
C ALA C 5 35.58 16.40 -22.39
N SER C 6 34.49 15.71 -22.68
CA SER C 6 33.35 15.68 -21.77
C SER C 6 33.14 14.28 -21.20
N LYS C 7 32.62 14.22 -19.98
CA LYS C 7 32.40 12.95 -19.28
C LYS C 7 31.23 13.09 -18.32
N GLU C 8 30.02 13.08 -18.86
CA GLU C 8 28.82 13.22 -18.02
C GLU C 8 27.62 12.46 -18.58
N PHE C 10 23.51 11.54 -17.99
CA PHE C 10 23.26 10.79 -19.21
C PHE C 10 23.67 11.57 -20.46
N GLU C 11 24.23 10.86 -21.44
CA GLU C 11 24.72 11.47 -22.66
C GLU C 11 23.60 11.86 -23.61
N ASP C 12 22.49 11.12 -23.57
CA ASP C 12 21.34 11.41 -24.39
C ASP C 12 20.38 12.30 -23.62
N THR C 13 20.21 13.54 -24.08
CA THR C 13 19.40 14.51 -23.36
C THR C 13 17.91 14.29 -23.60
N VAL C 14 17.59 13.64 -24.71
CA VAL C 14 16.21 13.26 -25.01
C VAL C 14 15.80 12.10 -24.10
N GLU C 15 16.67 11.12 -23.99
CA GLU C 15 16.39 9.94 -23.18
C GLU C 15 16.41 10.29 -21.69
N GLU C 16 17.26 11.25 -21.32
CA GLU C 16 17.34 11.71 -19.94
C GLU C 16 15.99 12.20 -19.44
N ARG C 17 15.30 13.01 -20.25
CA ARG C 17 13.98 13.51 -19.90
C ARG C 17 12.98 12.38 -19.70
N VAL C 18 12.94 11.44 -20.64
CA VAL C 18 12.03 10.30 -20.58
C VAL C 18 12.24 9.52 -19.28
N ILE C 19 13.50 9.16 -19.03
CA ILE C 19 13.87 8.44 -17.81
C ILE C 19 13.46 9.21 -16.54
N ASN C 20 13.71 10.52 -16.53
CA ASN C 20 13.41 11.34 -15.37
C ASN C 20 11.92 11.45 -15.05
N GLU C 21 11.10 11.57 -16.08
CA GLU C 21 9.66 11.68 -15.88
C GLU C 21 9.07 10.37 -15.36
N GLU C 22 9.53 9.26 -15.92
CA GLU C 22 9.14 7.95 -15.43
C GLU C 22 9.52 7.80 -13.96
N TYR C 23 10.70 8.29 -13.60
CA TYR C 23 11.16 8.24 -12.23
C TYR C 23 10.24 9.01 -11.29
N LYS C 24 9.82 10.21 -11.70
CA LYS C 24 8.94 11.03 -10.89
C LYS C 24 7.63 10.29 -10.59
N ILE C 25 7.18 9.50 -11.55
CA ILE C 25 5.97 8.70 -11.37
C ILE C 25 6.25 7.54 -10.42
N TRP C 26 7.40 6.89 -10.61
CA TRP C 26 7.82 5.80 -9.74
C TRP C 26 7.93 6.25 -8.28
N LYS C 27 8.48 7.45 -8.08
CA LYS C 27 8.68 7.99 -6.73
C LYS C 27 7.35 8.22 -6.02
N LYS C 28 6.34 8.66 -6.75
CA LYS C 28 5.01 8.88 -6.19
C LYS C 28 4.32 7.58 -5.82
N ASN C 29 4.69 6.50 -6.52
CA ASN C 29 4.07 5.20 -6.30
C ASN C 29 4.73 4.38 -5.19
N THR C 30 5.95 4.76 -4.80
CA THR C 30 6.71 3.99 -3.82
C THR C 30 5.93 3.59 -2.56
N PRO C 31 5.12 4.52 -2.00
CA PRO C 31 4.36 4.18 -0.80
C PRO C 31 3.38 3.02 -0.99
N PHE C 32 3.00 2.75 -2.24
CA PHE C 32 2.13 1.63 -2.56
C PHE C 32 2.93 0.36 -2.85
N LEU C 33 4.15 0.52 -3.35
CA LEU C 33 4.90 -0.61 -3.91
C LEU C 33 5.99 -1.18 -2.99
N TYR C 34 6.37 -0.42 -1.97
CA TYR C 34 7.48 -0.83 -1.11
C TYR C 34 7.16 -0.73 0.37
N ASP C 35 7.71 -1.64 1.16
CA ASP C 35 7.69 -1.52 2.61
C ASP C 35 8.92 -0.75 3.03
N LEU C 36 9.92 -0.74 2.16
CA LEU C 36 11.19 -0.09 2.43
C LEU C 36 11.86 0.38 1.14
N VAL C 37 12.23 1.65 1.10
CA VAL C 37 13.04 2.18 0.01
C VAL C 37 14.10 3.15 0.53
N THR C 39 17.70 5.14 -0.78
CA THR C 39 18.63 5.47 -1.85
C THR C 39 19.83 6.24 -1.32
N HIS C 40 20.99 6.00 -1.91
CA HIS C 40 22.20 6.74 -1.59
C HIS C 40 23.03 6.91 -2.85
N ALA C 41 23.56 8.11 -3.04
CA ALA C 41 24.44 8.38 -4.16
C ALA C 41 25.88 8.20 -3.70
N LEU C 42 26.62 7.36 -4.40
CA LEU C 42 28.01 7.12 -4.10
C LEU C 42 28.83 8.16 -4.83
N GLN C 43 30.03 8.45 -4.34
CA GLN C 43 30.93 9.34 -5.05
C GLN C 43 31.25 8.74 -6.41
N TRP C 44 31.54 7.45 -6.43
CA TRP C 44 31.81 6.73 -7.67
C TRP C 44 30.81 5.59 -7.83
N PRO C 45 30.45 5.28 -9.09
CA PRO C 45 29.55 4.16 -9.31
C PRO C 45 30.20 2.84 -8.88
N SER C 46 29.42 1.96 -8.27
CA SER C 46 29.90 0.63 -7.97
C SER C 46 29.39 -0.32 -9.04
N LEU C 47 30.27 -1.19 -9.52
CA LEU C 47 29.89 -2.18 -10.52
C LEU C 47 29.45 -3.48 -9.86
N THR C 48 29.51 -3.52 -8.52
CA THR C 48 29.31 -4.77 -7.79
C THR C 48 28.66 -4.56 -6.42
N VAL C 49 27.89 -5.57 -5.97
CA VAL C 49 27.35 -5.58 -4.61
C VAL C 49 27.16 -6.99 -4.09
N GLN C 50 27.38 -7.15 -2.79
CA GLN C 50 27.10 -8.39 -2.11
C GLN C 50 26.96 -8.14 -0.61
N TRP C 51 25.84 -8.56 -0.04
CA TRP C 51 25.65 -8.48 1.40
C TRP C 51 26.62 -9.43 2.08
N LEU C 52 27.24 -8.97 3.17
CA LEU C 52 27.96 -9.86 4.05
C LEU C 52 26.92 -10.64 4.85
N PRO C 53 27.26 -11.84 5.31
CA PRO C 53 26.31 -12.69 6.03
C PRO C 53 25.97 -12.19 7.44
N GLU C 54 26.79 -11.31 7.99
CA GLU C 54 26.58 -10.86 9.37
C GLU C 54 25.42 -9.88 9.51
N VAL C 55 24.66 -10.05 10.57
CA VAL C 55 23.60 -9.11 10.93
C VAL C 55 23.57 -8.98 12.45
N THR C 56 23.16 -7.82 12.94
CA THR C 56 23.01 -7.63 14.37
C THR C 56 22.00 -6.53 14.68
N LYS C 57 21.21 -6.74 15.74
CA LYS C 57 20.24 -5.76 16.19
C LYS C 57 20.69 -5.22 17.54
N PRO C 58 21.41 -4.09 17.53
CA PRO C 58 21.99 -3.52 18.73
C PRO C 58 20.97 -3.29 19.84
N GLU C 59 21.42 -3.43 21.08
CA GLU C 59 20.58 -3.17 22.24
C GLU C 59 20.20 -1.69 22.30
N GLY C 60 18.91 -1.42 22.49
CA GLY C 60 18.42 -0.06 22.65
C GLY C 60 18.14 0.67 21.34
N LYS C 61 18.65 0.14 20.24
CA LYS C 61 18.50 0.79 18.94
C LYS C 61 17.21 0.37 18.25
N ASP C 62 16.77 1.18 17.28
CA ASP C 62 15.55 0.92 16.54
C ASP C 62 15.85 0.55 15.09
N TYR C 63 17.07 0.08 14.85
CA TYR C 63 17.49 -0.33 13.52
C TYR C 63 18.33 -1.59 13.62
N ALA C 64 18.75 -2.10 12.46
CA ALA C 64 19.64 -3.26 12.43
C ALA C 64 20.90 -2.94 11.63
N LEU C 65 21.99 -3.63 11.94
CA LEU C 65 23.24 -3.45 11.24
C LEU C 65 23.45 -4.54 10.18
N HIS C 66 23.64 -4.11 8.95
CA HIS C 66 23.99 -5.02 7.84
C HIS C 66 25.25 -4.48 7.17
N TRP C 67 25.91 -5.34 6.39
CA TRP C 67 27.14 -4.92 5.70
C TRP C 67 27.15 -5.26 4.21
N LEU C 68 27.60 -4.31 3.41
CA LEU C 68 27.70 -4.49 1.96
C LEU C 68 29.15 -4.50 1.50
N VAL C 69 29.46 -5.36 0.54
CA VAL C 69 30.75 -5.29 -0.14
C VAL C 69 30.56 -4.54 -1.45
N LEU C 70 31.25 -3.41 -1.60
CA LEU C 70 31.11 -2.57 -2.78
C LEU C 70 32.48 -2.32 -3.40
N GLY C 71 32.47 -1.63 -4.53
CA GLY C 71 33.70 -1.22 -5.20
C GLY C 71 33.51 0.17 -5.79
N THR C 72 34.56 0.69 -6.41
CA THR C 72 34.47 1.98 -7.08
C THR C 72 34.76 1.82 -8.56
N HIS C 73 34.35 2.81 -9.34
CA HIS C 73 34.60 2.80 -10.77
C HIS C 73 34.99 4.19 -11.24
N THR C 74 36.29 4.42 -11.33
CA THR C 74 36.83 5.65 -11.89
C THR C 74 38.13 5.33 -12.62
N SER C 75 38.20 5.70 -13.89
CA SER C 75 39.38 5.43 -14.69
C SER C 75 40.44 6.51 -14.44
N ASP C 76 40.01 7.63 -13.86
CA ASP C 76 40.88 8.76 -13.62
C ASP C 76 41.60 8.71 -12.28
N GLU C 77 40.87 8.34 -11.23
CA GLU C 77 41.38 8.50 -9.88
C GLU C 77 41.47 7.21 -9.08
N GLN C 78 41.80 7.34 -7.79
CA GLN C 78 42.02 6.18 -6.93
C GLN C 78 40.75 5.36 -6.71
N ASN C 79 40.87 4.05 -6.85
CA ASN C 79 39.77 3.13 -6.59
C ASN C 79 39.91 2.44 -5.24
N HIS C 80 38.77 2.02 -4.67
CA HIS C 80 38.75 1.31 -3.40
C HIS C 80 37.84 0.10 -3.41
N LEU C 81 38.25 -0.96 -2.71
CA LEU C 81 37.33 -2.02 -2.34
C LEU C 81 36.69 -1.57 -1.03
N VAL C 82 35.38 -1.69 -0.93
CA VAL C 82 34.65 -1.05 0.15
C VAL C 82 33.70 -1.99 0.88
N VAL C 83 33.76 -1.95 2.20
CA VAL C 83 32.77 -2.62 3.04
C VAL C 83 31.93 -1.58 3.75
N ALA C 84 30.65 -1.52 3.43
CA ALA C 84 29.76 -0.52 4.01
C ALA C 84 28.91 -1.10 5.13
N ARG C 85 28.79 -0.36 6.22
CA ARG C 85 27.89 -0.69 7.32
C ARG C 85 26.61 0.10 7.13
N VAL C 86 25.45 -0.55 7.23
CA VAL C 86 24.18 0.15 7.02
C VAL C 86 23.17 -0.05 8.15
N HIS C 87 22.39 1.00 8.40
CA HIS C 87 21.29 0.94 9.36
C HIS C 87 20.00 0.65 8.60
N ILE C 88 19.45 -0.55 8.79
CA ILE C 88 18.13 -0.85 8.27
C ILE C 88 17.12 -0.77 9.41
N PRO C 89 16.20 0.20 9.32
CA PRO C 89 15.21 0.48 10.36
C PRO C 89 14.34 -0.73 10.69
N ASN C 90 14.07 -0.95 11.97
CA ASN C 90 13.19 -2.02 12.42
C ASN C 90 11.74 -1.73 12.05
N ASP C 91 10.99 -2.79 11.74
CA ASP C 91 9.57 -2.65 11.42
C ASP C 91 8.78 -3.86 11.92
N VAL C 113 17.64 10.76 6.91
CA VAL C 113 16.27 10.45 6.48
C VAL C 113 15.82 9.12 7.06
N THR C 114 15.81 8.09 6.21
CA THR C 114 15.46 6.74 6.66
C THR C 114 16.64 5.80 6.43
N GLY C 115 17.27 5.36 7.51
CA GLY C 115 18.44 4.50 7.43
C GLY C 115 19.73 5.30 7.34
N LYS C 116 20.85 4.60 7.46
CA LYS C 116 22.15 5.27 7.51
C LYS C 116 23.21 4.39 6.86
N ILE C 117 24.13 5.01 6.13
CA ILE C 117 25.25 4.29 5.54
C ILE C 117 26.58 4.89 5.99
N GLU C 118 27.51 4.02 6.38
CA GLU C 118 28.83 4.43 6.83
C GLU C 118 29.87 3.49 6.25
N CYS C 119 31.14 3.86 6.38
CA CYS C 119 32.22 3.00 5.91
C CYS C 119 32.77 2.15 7.03
N GLU C 120 32.67 0.82 6.87
CA GLU C 120 33.31 -0.07 7.79
C GLU C 120 34.81 -0.06 7.48
N ILE C 121 35.14 -0.21 6.20
CA ILE C 121 36.52 -0.18 5.75
C ILE C 121 36.64 0.12 4.26
N LYS C 122 37.72 0.78 3.87
CA LYS C 122 38.04 1.02 2.47
C LYS C 122 39.48 0.58 2.21
N ILE C 123 39.67 -0.24 1.18
CA ILE C 123 40.99 -0.76 0.86
C ILE C 123 41.47 -0.31 -0.53
N ASN C 124 42.66 0.28 -0.58
CA ASN C 124 43.26 0.72 -1.84
C ASN C 124 43.25 -0.37 -2.89
N HIS C 125 42.68 -0.08 -4.05
CA HIS C 125 42.51 -1.08 -5.12
C HIS C 125 43.00 -0.55 -6.46
N GLU C 126 43.90 -1.30 -7.11
CA GLU C 126 44.41 -0.91 -8.42
C GLU C 126 43.39 -1.14 -9.53
N GLY C 127 42.91 -0.05 -10.12
CA GLY C 127 41.89 -0.13 -11.15
C GLY C 127 40.51 -0.24 -10.53
N GLU C 128 39.48 -0.17 -11.36
CA GLU C 128 38.11 -0.29 -10.86
C GLU C 128 37.83 -1.72 -10.40
N VAL C 129 36.86 -1.87 -9.52
CA VAL C 129 36.47 -3.20 -9.07
C VAL C 129 35.35 -3.72 -9.96
N ASN C 130 35.71 -4.61 -10.89
CA ASN C 130 34.73 -5.24 -11.76
C ASN C 130 33.71 -6.07 -10.99
N ARG C 131 34.20 -6.81 -10.00
CA ARG C 131 33.34 -7.66 -9.19
C ARG C 131 34.08 -8.08 -7.92
N ALA C 132 33.36 -8.06 -6.80
CA ALA C 132 33.92 -8.47 -5.52
C ALA C 132 32.97 -9.44 -4.83
N ARG C 133 33.53 -10.53 -4.32
CA ARG C 133 32.73 -11.58 -3.70
C ARG C 133 33.48 -12.14 -2.49
N TYR C 134 32.77 -12.31 -1.38
CA TYR C 134 33.39 -12.81 -0.14
C TYR C 134 33.43 -14.33 -0.10
N PRO C 136 32.64 -17.73 1.46
CA PRO C 136 31.56 -18.18 2.33
C PRO C 136 32.06 -18.78 3.64
N GLN C 137 33.19 -19.48 3.59
CA GLN C 137 33.74 -20.12 4.78
C GLN C 137 34.47 -19.12 5.67
N ASN C 138 34.87 -18.00 5.08
CA ASN C 138 35.50 -16.91 5.82
C ASN C 138 35.17 -15.56 5.19
N PRO C 139 34.05 -14.96 5.63
CA PRO C 139 33.49 -13.74 5.05
C PRO C 139 34.41 -12.51 5.06
N HIS C 140 35.53 -12.56 5.78
CA HIS C 140 36.46 -11.44 5.70
C HIS C 140 37.55 -11.62 4.65
N ILE C 141 37.42 -12.69 3.86
CA ILE C 141 38.29 -12.90 2.71
C ILE C 141 37.50 -12.59 1.44
N ILE C 142 38.01 -11.64 0.65
CA ILE C 142 37.28 -11.15 -0.50
C ILE C 142 38.13 -11.21 -1.76
N ALA C 143 37.63 -11.92 -2.77
CA ALA C 143 38.25 -11.92 -4.08
C ALA C 143 37.70 -10.77 -4.90
N THR C 144 38.46 -10.32 -5.88
CA THR C 144 38.06 -9.17 -6.68
C THR C 144 38.64 -9.23 -8.08
N LYS C 145 37.83 -8.85 -9.07
CA LYS C 145 38.27 -8.80 -10.45
C LYS C 145 38.68 -7.38 -10.83
N THR C 146 39.87 -7.24 -11.40
CA THR C 146 40.41 -5.94 -11.78
C THR C 146 40.33 -5.76 -13.29
N PRO C 147 40.56 -4.52 -13.78
CA PRO C 147 40.64 -4.30 -15.21
C PRO C 147 41.95 -4.86 -15.79
N SER C 148 42.83 -5.34 -14.91
CA SER C 148 44.09 -5.96 -15.35
C SER C 148 43.93 -7.48 -15.50
N SER C 149 45.00 -8.21 -15.25
CA SER C 149 45.04 -9.63 -15.57
C SER C 149 44.80 -10.53 -14.35
N ASP C 150 45.57 -10.32 -13.29
CA ASP C 150 45.43 -11.12 -12.08
C ASP C 150 44.11 -10.81 -11.37
N VAL C 151 43.55 -11.80 -10.71
CA VAL C 151 42.44 -11.54 -9.81
C VAL C 151 43.01 -11.51 -8.39
N LEU C 152 42.53 -10.58 -7.59
CA LEU C 152 43.14 -10.32 -6.29
C LEU C 152 42.33 -10.91 -5.15
N VAL C 153 43.02 -11.21 -4.05
CA VAL C 153 42.37 -11.70 -2.84
C VAL C 153 42.76 -10.81 -1.66
N PHE C 154 41.76 -10.29 -0.97
CA PHE C 154 41.99 -9.42 0.17
C PHE C 154 41.43 -10.04 1.46
N ASP C 155 42.21 -9.96 2.53
CA ASP C 155 41.70 -10.27 3.85
C ASP C 155 41.60 -8.94 4.59
N TYR C 156 40.37 -8.42 4.71
CA TYR C 156 40.18 -7.06 5.19
C TYR C 156 40.56 -6.84 6.65
N THR C 157 40.78 -7.93 7.38
CA THR C 157 41.25 -7.83 8.76
C THR C 157 42.74 -7.52 8.80
N LYS C 158 43.39 -7.56 7.64
CA LYS C 158 44.83 -7.36 7.54
C LYS C 158 45.17 -6.05 6.83
N HIS C 159 44.24 -5.11 6.84
CA HIS C 159 44.45 -3.80 6.22
C HIS C 159 43.99 -2.71 7.18
N PRO C 160 44.65 -1.55 7.12
CA PRO C 160 44.36 -0.46 8.07
C PRO C 160 42.93 0.03 7.96
N ALA C 161 42.37 0.46 9.09
CA ALA C 161 41.01 0.99 9.13
C ALA C 161 40.81 2.03 8.03
N LYS C 162 41.74 2.97 7.95
CA LYS C 162 41.71 4.00 6.92
C LYS C 162 42.83 3.73 5.92
N PRO C 163 42.51 3.76 4.62
CA PRO C 163 43.52 3.47 3.60
C PRO C 163 44.53 4.61 3.44
N ASP C 164 45.76 4.27 3.08
CA ASP C 164 46.79 5.28 2.87
C ASP C 164 46.50 6.07 1.59
N PRO C 165 46.43 7.41 1.72
CA PRO C 165 46.10 8.32 0.63
C PRO C 165 47.01 8.20 -0.59
N SER C 166 48.13 7.49 -0.45
CA SER C 166 49.05 7.29 -1.57
C SER C 166 48.60 6.16 -2.50
N GLY C 167 47.49 5.51 -2.12
CA GLY C 167 46.82 4.55 -3.00
C GLY C 167 47.57 3.28 -3.36
N GLU C 168 48.48 2.86 -2.50
CA GLU C 168 49.26 1.65 -2.73
C GLU C 168 48.39 0.41 -2.55
N CYS C 169 48.26 -0.39 -3.60
CA CYS C 169 47.46 -1.60 -3.54
C CYS C 169 48.31 -2.81 -3.14
N ASN C 170 47.98 -3.40 -1.99
CA ASN C 170 48.74 -4.54 -1.48
C ASN C 170 47.88 -5.76 -1.26
N PRO C 171 47.57 -6.49 -2.35
CA PRO C 171 46.73 -7.68 -2.25
C PRO C 171 47.42 -8.76 -1.44
N ASP C 172 46.66 -9.49 -0.63
CA ASP C 172 47.21 -10.59 0.15
C ASP C 172 47.52 -11.79 -0.74
N LEU C 173 46.92 -11.81 -1.93
CA LEU C 173 47.15 -12.86 -2.91
C LEU C 173 46.90 -12.33 -4.32
N ARG C 174 47.77 -12.72 -5.26
CA ARG C 174 47.54 -12.45 -6.67
C ARG C 174 47.41 -13.78 -7.39
N LEU C 175 46.28 -13.98 -8.06
CA LEU C 175 46.02 -15.24 -8.76
C LEU C 175 46.32 -15.12 -10.25
N ARG C 176 47.49 -15.58 -10.66
CA ARG C 176 47.88 -15.59 -12.07
C ARG C 176 47.18 -16.71 -12.83
N GLY C 177 46.83 -16.45 -14.09
CA GLY C 177 46.18 -17.45 -14.92
C GLY C 177 45.52 -16.90 -16.18
N HIS C 178 45.13 -15.64 -16.12
CA HIS C 178 44.40 -15.03 -17.23
C HIS C 178 45.28 -14.12 -18.10
N GLN C 179 44.79 -13.82 -19.30
CA GLN C 179 45.45 -12.88 -20.20
C GLN C 179 44.74 -11.53 -20.22
N LYS C 180 43.42 -11.56 -20.10
CA LYS C 180 42.63 -10.33 -20.11
C LYS C 180 41.77 -10.18 -18.85
N GLU C 181 40.97 -9.11 -18.81
CA GLU C 181 40.08 -8.86 -17.68
C GLU C 181 38.79 -9.68 -17.81
N GLY C 182 38.00 -9.70 -16.74
CA GLY C 182 36.73 -10.42 -16.75
C GLY C 182 35.82 -9.97 -15.63
N TYR C 183 34.66 -10.60 -15.53
CA TYR C 183 33.67 -10.26 -14.50
C TYR C 183 33.29 -11.45 -13.62
N GLY C 184 33.14 -12.62 -14.23
CA GLY C 184 32.73 -13.82 -13.51
C GLY C 184 33.63 -14.16 -12.34
N LEU C 185 33.02 -14.53 -11.21
CA LEU C 185 33.76 -14.80 -9.98
C LEU C 185 32.89 -15.66 -9.07
N SER C 186 33.43 -16.78 -8.59
CA SER C 186 32.64 -17.68 -7.75
C SER C 186 33.48 -18.53 -6.79
N TRP C 187 33.18 -18.44 -5.49
CA TRP C 187 33.80 -19.28 -4.48
C TRP C 187 33.00 -20.57 -4.33
N ASN C 188 33.70 -21.67 -4.00
CA ASN C 188 33.02 -22.93 -3.73
C ASN C 188 32.55 -22.99 -2.28
N SER C 189 31.23 -23.06 -2.10
CA SER C 189 30.64 -23.03 -0.78
C SER C 189 30.77 -24.37 -0.04
N ASN C 190 31.37 -25.35 -0.70
CA ASN C 190 31.56 -26.66 -0.11
C ASN C 190 33.04 -27.02 -0.02
N LEU C 191 33.84 -26.45 -0.91
CA LEU C 191 35.27 -26.69 -0.91
C LEU C 191 36.00 -25.38 -0.63
N SER C 192 36.41 -25.20 0.62
CA SER C 192 36.99 -23.95 1.09
C SER C 192 38.26 -23.53 0.34
N GLY C 193 38.25 -22.30 -0.17
CA GLY C 193 39.42 -21.73 -0.82
C GLY C 193 39.51 -21.96 -2.32
N HIS C 194 38.48 -22.58 -2.88
CA HIS C 194 38.46 -22.89 -4.31
C HIS C 194 37.65 -21.85 -5.07
N LEU C 195 38.28 -21.23 -6.06
CA LEU C 195 37.70 -20.07 -6.73
C LEU C 195 37.73 -20.20 -8.25
N LEU C 196 36.64 -19.78 -8.90
CA LEU C 196 36.56 -19.76 -10.36
C LEU C 196 36.50 -18.32 -10.86
N SER C 197 36.88 -18.11 -12.12
CA SER C 197 36.88 -16.79 -12.73
C SER C 197 36.78 -16.83 -14.25
N ALA C 198 35.87 -16.03 -14.79
CA ALA C 198 35.72 -15.90 -16.24
C ALA C 198 36.48 -14.68 -16.74
N SER C 199 36.88 -14.72 -18.01
CA SER C 199 37.67 -13.63 -18.58
C SER C 199 37.36 -13.40 -20.06
N ASP C 200 37.92 -12.34 -20.61
CA ASP C 200 37.75 -12.01 -22.03
C ASP C 200 38.66 -12.87 -22.90
N ASP C 201 39.54 -13.63 -22.27
CA ASP C 201 40.47 -14.48 -23.01
C ASP C 201 39.88 -15.85 -23.36
N HIS C 202 38.56 -15.97 -23.21
CA HIS C 202 37.85 -17.18 -23.60
C HIS C 202 37.98 -18.30 -22.58
N THR C 203 38.74 -18.05 -21.52
CA THR C 203 39.08 -19.11 -20.57
C THR C 203 38.41 -18.94 -19.21
N VAL C 204 38.38 -20.04 -18.46
CA VAL C 204 37.89 -20.04 -17.08
C VAL C 204 38.98 -20.64 -16.21
N CYS C 205 39.51 -19.84 -15.28
CA CYS C 205 40.59 -20.32 -14.41
C CYS C 205 40.07 -20.81 -13.07
N LEU C 206 40.85 -21.69 -12.45
CA LEU C 206 40.50 -22.25 -11.15
C LEU C 206 41.72 -22.21 -10.22
N TRP C 207 41.52 -21.74 -8.99
CA TRP C 207 42.60 -21.66 -8.01
C TRP C 207 42.24 -22.36 -6.71
N ASP C 208 43.26 -22.86 -6.03
CA ASP C 208 43.11 -23.34 -4.66
C ASP C 208 44.06 -22.54 -3.78
N ILE C 209 43.55 -21.45 -3.21
CA ILE C 209 44.39 -20.51 -2.46
C ILE C 209 44.98 -21.12 -1.19
N ASN C 210 44.83 -22.45 -1.05
CA ASN C 210 45.48 -23.17 0.03
C ASN C 210 46.73 -23.88 -0.45
N ALA C 211 47.51 -23.20 -1.29
CA ALA C 211 48.73 -23.77 -1.86
C ALA C 211 49.80 -22.71 -2.09
N GLY C 212 50.33 -22.66 -3.31
CA GLY C 212 51.39 -21.72 -3.65
C GLY C 212 52.68 -22.04 -2.94
N PRO C 213 53.56 -21.02 -2.78
CA PRO C 213 54.82 -21.18 -2.05
C PRO C 213 54.59 -21.19 -0.55
N LYS C 214 55.60 -20.78 0.21
CA LYS C 214 55.49 -20.70 1.66
C LYS C 214 55.56 -19.26 2.16
N GLU C 215 55.75 -18.32 1.23
CA GLU C 215 55.82 -16.90 1.56
C GLU C 215 55.59 -16.03 0.32
N GLY C 216 55.06 -16.64 -0.73
CA GLY C 216 54.78 -15.94 -1.97
C GLY C 216 53.35 -15.45 -2.07
N LYS C 217 53.18 -14.21 -2.48
CA LYS C 217 51.85 -13.62 -2.62
C LYS C 217 51.19 -14.03 -3.93
N ILE C 218 51.91 -14.80 -4.74
CA ILE C 218 51.41 -15.21 -6.05
C ILE C 218 51.06 -16.70 -6.09
N VAL C 219 49.97 -17.03 -6.79
CA VAL C 219 49.57 -18.42 -6.97
C VAL C 219 48.96 -18.65 -8.35
N ASP C 220 49.43 -19.70 -9.02
CA ASP C 220 49.01 -20.00 -10.39
C ASP C 220 47.76 -20.86 -10.42
N ALA C 221 47.02 -20.78 -11.52
CA ALA C 221 45.78 -21.54 -11.68
C ALA C 221 46.01 -23.05 -11.59
N LYS C 222 45.10 -23.73 -10.92
CA LYS C 222 45.18 -25.18 -10.79
C LYS C 222 44.66 -25.85 -12.05
N ALA C 223 43.84 -25.12 -12.80
CA ALA C 223 43.23 -25.63 -14.03
C ALA C 223 42.58 -24.51 -14.84
N ILE C 224 42.91 -24.46 -16.13
CA ILE C 224 42.31 -23.49 -17.04
C ILE C 224 41.40 -24.21 -18.02
N PHE C 225 40.15 -23.78 -18.12
CA PHE C 225 39.16 -24.42 -18.98
C PHE C 225 38.94 -23.62 -20.26
N THR C 226 39.07 -24.29 -21.40
CA THR C 226 39.09 -23.60 -22.69
C THR C 226 37.99 -24.05 -23.65
N GLY C 227 36.93 -24.64 -23.10
CA GLY C 227 35.81 -25.13 -23.91
C GLY C 227 35.08 -24.06 -24.69
N HIS C 228 35.25 -22.80 -24.29
CA HIS C 228 34.57 -21.68 -24.95
C HIS C 228 35.38 -21.10 -26.09
N SER C 229 34.68 -20.59 -27.10
CA SER C 229 35.33 -20.02 -28.28
C SER C 229 35.31 -18.50 -28.24
N ALA C 230 34.45 -17.94 -27.39
CA ALA C 230 34.32 -16.49 -27.28
C ALA C 230 34.55 -16.03 -25.84
N VAL C 231 34.30 -14.75 -25.58
CA VAL C 231 34.45 -14.18 -24.25
C VAL C 231 33.46 -14.81 -23.28
N VAL C 232 33.98 -15.51 -22.27
CA VAL C 232 33.15 -16.12 -21.24
C VAL C 232 32.72 -15.07 -20.19
N GLU C 233 31.41 -14.84 -20.11
CA GLU C 233 30.87 -13.75 -19.29
C GLU C 233 30.81 -14.06 -17.80
N ASP C 234 30.23 -15.21 -17.44
CA ASP C 234 30.04 -15.54 -16.03
C ASP C 234 30.33 -17.01 -15.71
N VAL C 235 30.64 -17.27 -14.44
CA VAL C 235 30.94 -18.62 -13.96
C VAL C 235 30.36 -18.80 -12.57
N ALA C 236 29.92 -20.02 -12.26
CA ALA C 236 29.25 -20.28 -10.99
C ALA C 236 29.38 -21.74 -10.56
N TRP C 237 29.85 -21.96 -9.33
CA TRP C 237 29.88 -23.29 -8.74
C TRP C 237 28.46 -23.78 -8.52
N HIS C 238 28.28 -25.11 -8.53
CA HIS C 238 27.05 -25.72 -8.07
C HIS C 238 26.98 -25.48 -6.57
N LEU C 239 25.77 -25.36 -6.02
CA LEU C 239 25.63 -25.05 -4.60
C LEU C 239 25.55 -26.28 -3.71
N LEU C 240 25.47 -27.47 -4.32
CA LEU C 240 25.34 -28.71 -3.57
C LEU C 240 26.41 -29.75 -3.89
N HIS C 241 26.69 -29.97 -5.17
CA HIS C 241 27.76 -30.87 -5.57
C HIS C 241 29.04 -30.08 -5.77
N GLU C 242 30.06 -30.40 -4.97
CA GLU C 242 31.28 -29.60 -4.91
C GLU C 242 32.14 -29.63 -6.18
N SER C 243 31.90 -30.59 -7.06
CA SER C 243 32.72 -30.75 -8.26
C SER C 243 32.12 -30.03 -9.48
N LEU C 244 30.82 -29.78 -9.44
CA LEU C 244 30.12 -29.21 -10.58
C LEU C 244 30.20 -27.69 -10.63
N PHE C 245 30.31 -27.16 -11.85
CA PHE C 245 30.20 -25.72 -12.08
C PHE C 245 29.79 -25.40 -13.50
N GLY C 246 29.06 -24.31 -13.68
CA GLY C 246 28.61 -23.89 -15.00
C GLY C 246 29.29 -22.63 -15.47
N SER C 247 29.50 -22.52 -16.78
CA SER C 247 30.09 -21.33 -17.38
C SER C 247 29.20 -20.81 -18.51
N VAL C 248 29.37 -19.55 -18.84
CA VAL C 248 28.50 -18.88 -19.79
C VAL C 248 29.30 -17.86 -20.60
N ALA C 249 29.10 -17.86 -21.92
CA ALA C 249 29.94 -17.04 -22.81
C ALA C 249 29.21 -16.37 -23.97
N ASP C 250 29.97 -15.61 -24.76
CA ASP C 250 29.42 -14.88 -25.90
C ASP C 250 29.11 -15.77 -27.09
N ASP C 251 29.54 -17.03 -27.03
CA ASP C 251 29.27 -17.98 -28.10
C ASP C 251 27.84 -18.52 -28.03
N GLN C 252 27.09 -18.01 -27.04
CA GLN C 252 25.67 -18.33 -26.88
C GLN C 252 25.43 -19.67 -26.19
N LYS C 253 26.50 -20.25 -25.64
CA LYS C 253 26.43 -21.57 -25.03
C LYS C 253 26.54 -21.56 -23.51
N LEU C 254 25.74 -22.39 -22.86
CA LEU C 254 25.89 -22.67 -21.45
C LEU C 254 26.59 -24.01 -21.30
N ILE C 256 28.52 -26.95 -18.66
CA ILE C 256 28.58 -27.49 -17.31
C ILE C 256 29.83 -28.36 -17.17
N TRP C 257 30.59 -28.13 -16.11
CA TRP C 257 31.90 -28.76 -15.99
C TRP C 257 32.02 -29.66 -14.77
N ASP C 258 33.04 -30.50 -14.77
CA ASP C 258 33.33 -31.40 -13.67
C ASP C 258 34.83 -31.37 -13.40
N THR C 259 35.20 -31.07 -12.16
CA THR C 259 36.61 -30.88 -11.81
C THR C 259 37.40 -32.18 -11.73
N ARG C 260 36.72 -33.28 -11.42
CA ARG C 260 37.38 -34.57 -11.30
C ARG C 260 37.53 -35.28 -12.65
N SER C 261 36.86 -34.76 -13.67
CA SER C 261 37.06 -35.20 -15.04
C SER C 261 38.39 -34.65 -15.54
N ASN C 262 39.21 -35.51 -16.15
CA ASN C 262 40.55 -35.11 -16.57
C ASN C 262 40.64 -34.47 -17.95
N THR C 263 39.65 -33.64 -18.29
CA THR C 263 39.70 -32.86 -19.52
C THR C 263 39.30 -31.42 -19.27
N THR C 264 40.12 -30.48 -19.78
CA THR C 264 39.89 -29.07 -19.56
C THR C 264 39.56 -28.34 -20.86
N SER C 265 38.99 -29.07 -21.81
CA SER C 265 38.64 -28.49 -23.11
C SER C 265 37.26 -28.94 -23.58
N LYS C 266 36.67 -29.90 -22.88
CA LYS C 266 35.33 -30.38 -23.19
C LYS C 266 34.49 -30.60 -21.93
N PRO C 267 33.39 -29.84 -21.81
CA PRO C 267 32.52 -29.92 -20.65
C PRO C 267 31.66 -31.18 -20.67
N SER C 268 31.12 -31.55 -19.51
CA SER C 268 30.23 -32.70 -19.43
C SER C 268 28.96 -32.46 -20.24
N HIS C 269 28.51 -31.22 -20.27
CA HIS C 269 27.29 -30.85 -20.99
C HIS C 269 27.48 -29.56 -21.77
N LEU C 270 26.76 -29.43 -22.88
CA LEU C 270 26.85 -28.23 -23.72
C LEU C 270 25.45 -27.84 -24.19
N VAL C 271 25.13 -26.56 -24.09
CA VAL C 271 23.79 -26.09 -24.43
C VAL C 271 23.80 -24.82 -25.27
N ASP C 272 23.16 -24.87 -26.43
CA ASP C 272 22.91 -23.67 -27.20
C ASP C 272 21.76 -22.94 -26.51
N ALA C 273 22.11 -22.15 -25.51
CA ALA C 273 21.14 -21.59 -24.57
C ALA C 273 20.33 -20.42 -25.14
N HIS C 274 20.97 -19.55 -25.90
CA HIS C 274 20.31 -18.34 -26.37
C HIS C 274 20.64 -17.98 -27.81
N THR C 275 19.86 -17.06 -28.38
CA THR C 275 20.06 -16.60 -29.74
C THR C 275 21.07 -15.46 -29.79
N ALA C 276 21.43 -14.95 -28.62
CA ALA C 276 22.49 -13.95 -28.49
C ALA C 276 23.43 -14.37 -27.36
N GLU C 277 24.45 -13.56 -27.10
CA GLU C 277 25.41 -13.87 -26.04
C GLU C 277 24.73 -14.03 -24.69
N VAL C 278 25.29 -14.93 -23.87
CA VAL C 278 24.76 -15.18 -22.54
C VAL C 278 25.64 -14.45 -21.51
N ASN C 279 25.03 -13.69 -20.62
CA ASN C 279 25.77 -12.80 -19.73
C ASN C 279 25.91 -13.27 -18.29
N CYS C 280 25.00 -14.12 -17.82
CA CYS C 280 24.98 -14.52 -16.42
C CYS C 280 24.28 -15.84 -16.19
N LEU C 281 24.60 -16.48 -15.07
CA LEU C 281 23.93 -17.72 -14.68
C LEU C 281 23.90 -17.84 -13.16
N SER C 282 22.90 -18.54 -12.64
CA SER C 282 22.76 -18.69 -11.20
C SER C 282 22.02 -19.97 -10.83
N PHE C 283 22.66 -20.80 -10.02
CA PHE C 283 22.07 -22.05 -9.56
C PHE C 283 21.10 -21.80 -8.42
N ASN C 284 19.97 -22.49 -8.45
CA ASN C 284 19.01 -22.42 -7.36
C ASN C 284 19.58 -23.07 -6.10
N PRO C 285 19.49 -22.37 -4.96
CA PRO C 285 20.07 -22.84 -3.71
C PRO C 285 19.27 -23.95 -3.03
N TYR C 286 18.09 -24.28 -3.55
CA TYR C 286 17.24 -25.29 -2.93
C TYR C 286 17.07 -26.55 -3.78
N SER C 287 17.19 -26.41 -5.10
CA SER C 287 17.09 -27.55 -6.00
C SER C 287 18.43 -27.86 -6.65
N GLU C 288 18.87 -29.11 -6.53
CA GLU C 288 20.15 -29.54 -7.09
C GLU C 288 20.13 -29.65 -8.61
N PHE C 289 18.97 -29.44 -9.21
CA PHE C 289 18.82 -29.62 -10.66
C PHE C 289 18.52 -28.32 -11.42
N ILE C 290 17.84 -27.38 -10.76
CA ILE C 290 17.37 -26.17 -11.44
C ILE C 290 18.44 -25.08 -11.57
N LEU C 291 18.41 -24.37 -12.70
CA LEU C 291 19.41 -23.36 -13.05
C LEU C 291 18.72 -22.23 -13.81
N ALA C 292 19.33 -21.04 -13.77
CA ALA C 292 18.82 -19.90 -14.54
C ALA C 292 19.93 -19.24 -15.36
N THR C 293 19.53 -18.58 -16.44
CA THR C 293 20.48 -18.00 -17.38
C THR C 293 19.92 -16.70 -17.98
N GLY C 294 20.72 -15.64 -17.93
CA GLY C 294 20.32 -14.34 -18.47
C GLY C 294 21.10 -14.01 -19.72
N SER C 295 20.44 -13.40 -20.71
CA SER C 295 21.04 -13.23 -22.03
C SER C 295 20.90 -11.83 -22.64
N ALA C 296 21.60 -11.64 -23.75
CA ALA C 296 21.53 -10.40 -24.51
C ALA C 296 20.27 -10.32 -25.36
N ASP C 297 19.54 -11.43 -25.47
CA ASP C 297 18.29 -11.45 -26.22
C ASP C 297 17.10 -11.03 -25.38
N LYS C 298 17.38 -10.56 -24.17
CA LYS C 298 16.38 -9.94 -23.30
C LYS C 298 15.53 -10.96 -22.53
N THR C 299 16.00 -12.20 -22.42
CA THR C 299 15.22 -13.24 -21.75
C THR C 299 16.02 -14.03 -20.71
N VAL C 300 15.32 -14.51 -19.69
CA VAL C 300 15.91 -15.43 -18.72
C VAL C 300 15.46 -16.85 -19.06
N ALA C 301 16.41 -17.79 -19.09
CA ALA C 301 16.11 -19.17 -19.43
C ALA C 301 16.18 -20.06 -18.19
N LEU C 302 15.20 -20.95 -18.06
CA LEU C 302 15.12 -21.86 -16.93
C LEU C 302 15.61 -23.25 -17.33
N TRP C 303 16.61 -23.77 -16.62
CA TRP C 303 17.26 -25.02 -17.00
C TRP C 303 17.17 -26.11 -15.94
N ASP C 304 17.12 -27.36 -16.39
CA ASP C 304 17.17 -28.51 -15.52
C ASP C 304 18.38 -29.35 -15.89
N LEU C 305 19.20 -29.68 -14.90
CA LEU C 305 20.45 -30.42 -15.12
C LEU C 305 20.20 -31.86 -15.59
N ARG C 306 18.98 -32.34 -15.43
CA ARG C 306 18.65 -33.71 -15.79
C ARG C 306 18.51 -33.89 -17.30
N ASN C 307 18.07 -32.83 -17.98
CA ASN C 307 17.99 -32.81 -19.44
C ASN C 307 18.17 -31.39 -19.99
N LEU C 308 19.38 -31.08 -20.42
CA LEU C 308 19.72 -29.74 -20.88
C LEU C 308 19.12 -29.41 -22.25
N LYS C 309 18.85 -30.44 -23.04
CA LYS C 309 18.28 -30.24 -24.37
C LYS C 309 16.95 -29.50 -24.32
N LEU C 310 16.23 -29.67 -23.22
CA LEU C 310 14.93 -29.02 -23.05
C LEU C 310 15.02 -27.74 -22.22
N LYS C 311 14.70 -26.61 -22.83
CA LYS C 311 14.61 -25.35 -22.11
C LYS C 311 13.26 -25.26 -21.42
N LEU C 312 13.27 -25.40 -20.10
CA LEU C 312 12.03 -25.45 -19.32
C LEU C 312 11.12 -24.24 -19.51
N HIS C 313 11.71 -23.04 -19.47
CA HIS C 313 10.91 -21.83 -19.54
C HIS C 313 11.69 -20.62 -20.05
N THR C 314 10.95 -19.62 -20.54
CA THR C 314 11.55 -18.36 -20.98
C THR C 314 10.80 -17.18 -20.36
N PHE C 315 11.51 -16.39 -19.56
CA PHE C 315 10.91 -15.22 -18.92
C PHE C 315 11.05 -13.99 -19.82
N GLU C 316 9.92 -13.44 -20.22
CA GLU C 316 9.91 -12.28 -21.13
C GLU C 316 9.34 -11.05 -20.44
N SER C 317 10.06 -9.93 -20.55
CA SER C 317 9.63 -8.63 -20.04
C SER C 317 10.72 -7.59 -20.20
N HIS C 318 11.97 -7.98 -19.94
CA HIS C 318 13.08 -7.07 -20.07
C HIS C 318 13.20 -6.51 -21.48
N LYS C 319 13.33 -5.20 -21.58
CA LYS C 319 13.35 -4.51 -22.87
C LYS C 319 14.77 -4.35 -23.42
N ASP C 320 15.75 -4.95 -22.76
CA ASP C 320 17.15 -4.85 -23.19
C ASP C 320 17.99 -5.97 -22.59
N GLU C 321 19.30 -5.92 -22.82
CA GLU C 321 20.23 -6.92 -22.31
C GLU C 321 20.10 -7.20 -20.82
N ILE C 322 20.16 -8.47 -20.45
CA ILE C 322 20.15 -8.88 -19.05
C ILE C 322 21.57 -9.25 -18.62
N PHE C 323 22.03 -8.66 -17.52
CA PHE C 323 23.42 -8.88 -17.07
C PHE C 323 23.55 -9.59 -15.73
N GLN C 324 22.47 -9.68 -14.97
CA GLN C 324 22.54 -10.31 -13.66
C GLN C 324 21.33 -11.19 -13.34
N VAL C 325 21.59 -12.30 -12.66
CA VAL C 325 20.56 -13.23 -12.25
C VAL C 325 20.87 -13.78 -10.86
N HIS C 326 19.88 -13.78 -9.98
CA HIS C 326 20.06 -14.26 -8.61
C HIS C 326 18.77 -14.85 -8.07
N TRP C 327 18.87 -16.02 -7.44
CA TRP C 327 17.73 -16.61 -6.77
C TRP C 327 17.55 -16.00 -5.38
N SER C 328 16.33 -16.08 -4.86
CA SER C 328 16.07 -15.68 -3.48
C SER C 328 16.61 -16.75 -2.54
N PRO C 329 17.35 -16.31 -1.50
CA PRO C 329 17.88 -17.24 -0.50
C PRO C 329 16.83 -17.67 0.51
N HIS C 330 15.64 -17.09 0.44
CA HIS C 330 14.56 -17.39 1.38
C HIS C 330 13.38 -18.10 0.71
N ASN C 331 13.21 -17.86 -0.58
CA ASN C 331 12.09 -18.42 -1.33
C ASN C 331 12.59 -19.20 -2.54
N GLU C 332 12.26 -20.49 -2.57
CA GLU C 332 12.82 -21.40 -3.56
C GLU C 332 12.28 -21.24 -4.98
N THR C 333 11.19 -20.50 -5.13
CA THR C 333 10.58 -20.32 -6.45
C THR C 333 10.69 -18.87 -6.94
N ILE C 334 11.38 -18.03 -6.18
CA ILE C 334 11.52 -16.62 -6.51
C ILE C 334 12.88 -16.32 -7.15
N LEU C 335 12.83 -15.65 -8.30
CA LEU C 335 14.03 -15.36 -9.08
C LEU C 335 14.04 -13.88 -9.45
N ALA C 336 15.23 -13.29 -9.54
CA ALA C 336 15.35 -11.89 -9.93
C ALA C 336 16.41 -11.67 -11.01
N SER C 337 16.17 -10.68 -11.87
CA SER C 337 17.09 -10.36 -12.94
C SER C 337 17.10 -8.85 -13.22
N SER C 338 18.17 -8.38 -13.85
CA SER C 338 18.33 -6.96 -14.15
C SER C 338 19.30 -6.76 -15.31
N GLY C 339 19.39 -5.53 -15.80
CA GLY C 339 20.31 -5.21 -16.89
C GLY C 339 20.19 -3.82 -17.46
N THR C 340 20.51 -3.69 -18.74
CA THR C 340 20.62 -2.40 -19.41
C THR C 340 19.32 -1.61 -19.47
N ASP C 341 18.18 -2.30 -19.46
CA ASP C 341 16.89 -1.62 -19.52
C ASP C 341 16.56 -0.88 -18.23
N ARG C 342 17.49 -0.93 -17.28
CA ARG C 342 17.41 -0.16 -16.03
C ARG C 342 16.37 -0.69 -15.06
N ARG C 343 15.78 -1.85 -15.37
CA ARG C 343 14.77 -2.46 -14.50
C ARG C 343 15.34 -3.65 -13.75
N LEU C 344 14.74 -3.98 -12.62
CA LEU C 344 15.02 -5.24 -11.95
C LEU C 344 13.71 -5.99 -11.83
N ASN C 345 13.65 -7.16 -12.46
CA ASN C 345 12.44 -7.98 -12.47
C ASN C 345 12.52 -9.10 -11.44
N VAL C 346 11.43 -9.30 -10.70
CA VAL C 346 11.33 -10.43 -9.80
C VAL C 346 10.31 -11.41 -10.37
N TRP C 347 10.70 -12.68 -10.49
CA TRP C 347 9.83 -13.70 -11.08
C TRP C 347 9.38 -14.73 -10.05
N ASP C 348 8.15 -15.21 -10.19
CA ASP C 348 7.62 -16.26 -9.33
C ASP C 348 7.28 -17.50 -10.16
N LEU C 349 8.12 -18.54 -10.05
CA LEU C 349 7.95 -19.76 -10.82
C LEU C 349 6.59 -20.41 -10.60
N SER C 350 6.07 -20.30 -9.38
CA SER C 350 4.82 -20.97 -9.00
C SER C 350 3.60 -20.41 -9.72
N LYS C 351 3.82 -19.48 -10.64
CA LYS C 351 2.74 -18.88 -11.41
C LYS C 351 3.00 -18.96 -12.92
N ILE C 352 3.82 -19.93 -13.32
CA ILE C 352 4.25 -20.04 -14.72
C ILE C 352 3.14 -20.49 -15.67
N GLY C 353 2.34 -21.46 -15.27
CA GLY C 353 1.27 -21.97 -16.14
C GLY C 353 -0.07 -21.31 -15.88
N GLU C 354 -0.04 -20.16 -15.21
CA GLU C 354 -1.26 -19.50 -14.74
C GLU C 354 -2.00 -18.74 -15.84
N GLU C 355 -3.32 -18.87 -15.84
CA GLU C 355 -4.18 -18.15 -16.79
C GLU C 355 -4.40 -16.72 -16.31
N GLN C 356 -4.66 -15.83 -17.26
CA GLN C 356 -4.85 -14.41 -16.94
C GLN C 356 -5.73 -13.69 -17.96
N SER C 357 -6.37 -12.61 -17.53
CA SER C 357 -7.21 -11.81 -18.40
C SER C 357 -6.37 -11.04 -19.42
N ALA C 358 -7.04 -10.39 -20.36
CA ALA C 358 -6.36 -9.65 -21.42
C ALA C 358 -5.65 -8.41 -20.88
N GLU C 359 -6.28 -7.76 -19.89
CA GLU C 359 -5.72 -6.54 -19.31
C GLU C 359 -4.54 -6.82 -18.39
N ASP C 360 -4.46 -8.03 -17.87
CA ASP C 360 -3.34 -8.44 -17.02
C ASP C 360 -2.19 -9.02 -17.85
N ALA C 361 -2.54 -9.62 -19.00
CA ALA C 361 -1.55 -10.21 -19.88
C ALA C 361 -0.78 -9.15 -20.67
N GLU C 362 -1.36 -7.95 -20.75
CA GLU C 362 -0.71 -6.83 -21.43
C GLU C 362 0.48 -6.32 -20.63
N ASP C 363 0.44 -6.54 -19.32
CA ASP C 363 1.50 -6.08 -18.43
C ASP C 363 2.65 -7.09 -18.34
N GLY C 364 2.45 -8.27 -18.90
CA GLY C 364 3.47 -9.30 -18.91
C GLY C 364 2.94 -10.68 -18.54
N PRO C 365 3.82 -11.70 -18.56
CA PRO C 365 3.47 -13.06 -18.20
C PRO C 365 3.09 -13.18 -16.73
N PRO C 366 2.29 -14.20 -16.39
CA PRO C 366 1.77 -14.39 -15.04
C PRO C 366 2.83 -14.57 -13.96
N GLU C 367 4.02 -15.03 -14.36
CA GLU C 367 5.08 -15.28 -13.38
C GLU C 367 5.90 -14.01 -13.05
N LEU C 368 5.64 -12.93 -13.78
CA LEU C 368 6.28 -11.66 -13.47
C LEU C 368 5.64 -11.05 -12.23
N LEU C 369 6.38 -11.09 -11.12
CA LEU C 369 5.83 -10.66 -9.84
C LEU C 369 5.93 -9.15 -9.66
N PHE C 370 7.07 -8.57 -10.06
CA PHE C 370 7.38 -7.21 -9.67
C PHE C 370 8.54 -6.64 -10.51
N ILE C 371 8.36 -5.41 -10.99
CA ILE C 371 9.41 -4.71 -11.69
C ILE C 371 9.89 -3.51 -10.88
N HIS C 372 11.16 -3.53 -10.49
CA HIS C 372 11.76 -2.40 -9.77
C HIS C 372 12.25 -1.36 -10.78
N GLY C 373 11.63 -0.18 -10.74
CA GLY C 373 11.99 0.89 -11.67
C GLY C 373 12.60 2.09 -10.97
N GLY C 374 13.36 1.83 -9.91
CA GLY C 374 13.93 2.91 -9.10
C GLY C 374 15.19 3.52 -9.67
N HIS C 375 15.86 2.78 -10.55
CA HIS C 375 17.12 3.24 -11.13
C HIS C 375 16.91 3.99 -12.44
N THR C 376 17.79 4.95 -12.69
CA THR C 376 17.68 5.81 -13.87
C THR C 376 18.80 5.51 -14.86
N ALA C 377 19.59 4.50 -14.54
CA ALA C 377 20.68 4.06 -15.41
C ALA C 377 20.83 2.54 -15.34
N LYS C 378 21.69 1.98 -16.18
CA LYS C 378 21.89 0.54 -16.24
C LYS C 378 22.23 -0.03 -14.85
N ILE C 379 21.57 -1.12 -14.49
CA ILE C 379 21.85 -1.80 -13.23
C ILE C 379 23.01 -2.76 -13.41
N SER C 380 24.12 -2.48 -12.73
CA SER C 380 25.33 -3.30 -12.84
C SER C 380 25.18 -4.62 -12.09
N ASP C 381 24.77 -4.52 -10.83
CA ASP C 381 24.70 -5.70 -9.98
C ASP C 381 23.60 -5.52 -8.93
N PHE C 382 23.16 -6.63 -8.35
CA PHE C 382 22.26 -6.59 -7.20
C PHE C 382 22.48 -7.81 -6.30
N SER C 383 21.98 -7.74 -5.07
CA SER C 383 22.22 -8.78 -4.09
C SER C 383 21.03 -8.91 -3.14
N TRP C 384 20.56 -10.15 -2.99
CA TRP C 384 19.50 -10.45 -2.03
C TRP C 384 20.08 -10.43 -0.61
N ASN C 385 19.38 -9.79 0.31
CA ASN C 385 19.76 -9.82 1.72
C ASN C 385 19.54 -11.22 2.28
N PRO C 386 20.57 -11.78 2.93
CA PRO C 386 20.48 -13.15 3.44
C PRO C 386 19.84 -13.24 4.82
N ASN C 387 19.52 -12.09 5.42
CA ASN C 387 19.00 -12.06 6.78
C ASN C 387 17.61 -11.44 6.88
N GLU C 388 17.26 -10.61 5.90
CA GLU C 388 15.94 -10.01 5.85
C GLU C 388 15.26 -10.34 4.52
N PRO C 389 14.30 -11.28 4.57
CA PRO C 389 13.58 -11.73 3.38
C PRO C 389 13.06 -10.58 2.53
N TRP C 390 13.31 -10.66 1.22
CA TRP C 390 12.76 -9.71 0.25
C TRP C 390 13.46 -8.36 0.18
N VAL C 391 14.43 -8.15 1.06
CA VAL C 391 15.26 -6.94 0.99
C VAL C 391 16.34 -7.12 -0.05
N ILE C 392 16.43 -6.16 -0.98
CA ILE C 392 17.43 -6.20 -2.04
C ILE C 392 18.24 -4.91 -2.09
N CYS C 393 19.50 -5.03 -2.49
CA CYS C 393 20.33 -3.86 -2.79
C CYS C 393 20.82 -3.89 -4.23
N SER C 394 20.47 -2.87 -5.00
CA SER C 394 20.94 -2.78 -6.38
C SER C 394 21.77 -1.52 -6.59
N VAL C 395 22.84 -1.66 -7.38
CA VAL C 395 23.68 -0.53 -7.75
C VAL C 395 23.60 -0.29 -9.25
N SER C 396 23.59 0.97 -9.66
CA SER C 396 23.51 1.30 -11.07
C SER C 396 24.66 2.17 -11.53
N GLU C 397 24.77 2.36 -12.85
CA GLU C 397 25.91 3.04 -13.45
C GLU C 397 26.00 4.54 -13.14
N ASP C 398 24.95 5.10 -12.56
CA ASP C 398 24.91 6.53 -12.29
C ASP C 398 25.16 6.85 -10.82
N ASN C 399 25.93 5.99 -10.15
CA ASN C 399 26.33 6.20 -8.76
C ASN C 399 25.27 5.76 -7.72
N ILE C 400 24.09 5.38 -8.19
CA ILE C 400 22.99 5.07 -7.29
C ILE C 400 23.04 3.66 -6.68
N GLN C 402 20.45 1.45 -4.12
CA GLN C 402 19.15 1.40 -3.46
C GLN C 402 18.97 0.11 -2.65
N ILE C 403 18.51 0.27 -1.42
CA ILE C 403 18.16 -0.86 -0.57
C ILE C 403 16.65 -0.84 -0.38
N TRP C 404 15.98 -1.85 -0.92
CA TRP C 404 14.53 -1.81 -0.98
C TRP C 404 13.88 -3.15 -0.72
N GLN C 405 12.59 -3.10 -0.43
CA GLN C 405 11.79 -4.28 -0.14
C GLN C 405 10.39 -3.98 -0.66
N ALA C 407 6.39 -4.21 -1.07
CA ALA C 407 5.35 -4.32 -0.06
C ALA C 407 4.94 -5.77 0.13
N GLU C 408 4.65 -6.14 1.38
CA GLU C 408 4.31 -7.51 1.73
C GLU C 408 3.05 -8.02 1.02
N ASN C 409 2.09 -7.13 0.79
CA ASN C 409 0.81 -7.50 0.20
C ASN C 409 0.89 -7.86 -1.29
N ILE C 410 2.09 -8.08 -1.80
CA ILE C 410 2.26 -8.41 -3.21
C ILE C 410 2.76 -9.85 -3.39
N TYR C 411 3.62 -10.30 -2.48
CA TYR C 411 4.12 -11.67 -2.54
C TYR C 411 3.42 -12.57 -1.53
N ASN C 412 2.79 -11.95 -0.53
CA ASN C 412 2.10 -12.70 0.52
C ASN C 412 0.73 -13.17 0.06
N GLY D 5 -9.44 -6.89 -1.42
CA GLY D 5 -9.57 -5.81 -0.40
C GLY D 5 -8.22 -5.25 0.01
N ILE D 6 -7.98 -3.98 -0.33
CA ILE D 6 -8.96 -3.17 -1.03
C ILE D 6 -8.78 -3.05 -2.56
N THR D 7 -7.59 -2.75 -3.12
CA THR D 7 -6.28 -2.46 -2.48
C THR D 7 -5.06 -3.39 -2.46
N LYS D 8 -5.30 -4.68 -2.66
CA LYS D 8 -4.35 -5.69 -3.12
C LYS D 8 -4.29 -5.78 -4.65
N PRO D 9 -5.44 -6.04 -5.29
CA PRO D 9 -5.47 -6.26 -6.74
C PRO D 9 -4.86 -5.11 -7.54
N ALA D 10 -5.14 -3.88 -7.15
CA ALA D 10 -4.62 -2.71 -7.86
C ALA D 10 -3.11 -2.57 -7.67
N ILE D 11 -2.66 -2.75 -6.43
CA ILE D 11 -1.24 -2.65 -6.11
C ILE D 11 -0.43 -3.73 -6.82
N ARG D 12 -0.95 -4.96 -6.86
CA ARG D 12 -0.29 -6.06 -7.54
C ARG D 12 -0.25 -5.83 -9.04
N ARG D 13 -1.22 -5.07 -9.54
CA ARG D 13 -1.28 -4.70 -10.95
C ARG D 13 -0.25 -3.62 -11.24
N LEU D 14 -0.18 -2.62 -10.36
CA LEU D 14 0.77 -1.52 -10.49
C LEU D 14 2.22 -2.01 -10.40
N ALA D 15 2.44 -3.02 -9.56
CA ALA D 15 3.77 -3.59 -9.36
C ALA D 15 4.34 -4.19 -10.65
N ARG D 16 3.46 -4.76 -11.47
CA ARG D 16 3.88 -5.41 -12.71
C ARG D 16 4.05 -4.39 -13.83
N ARG D 17 3.49 -3.21 -13.63
CA ARG D 17 3.65 -2.11 -14.58
C ARG D 17 4.79 -1.19 -14.13
N GLY D 18 5.38 -1.52 -12.98
CA GLY D 18 6.51 -0.77 -12.45
C GLY D 18 6.10 0.53 -11.78
#